data_4JS4
#
_entry.id   4JS4
#
_cell.length_a   91.413
_cell.length_b   91.413
_cell.length_c   162.518
_cell.angle_alpha   90.00
_cell.angle_beta   90.00
_cell.angle_gamma   90.00
#
_symmetry.space_group_name_H-M   'P 43'
#
loop_
_entity.id
_entity.type
_entity.pdbx_description
1 polymer 'dT16 oligonucleotide'
2 polymer 'Exodeoxyribonuclease I'
3 non-polymer 'SULFATE ION'
#
loop_
_entity_poly.entity_id
_entity_poly.type
_entity_poly.pdbx_seq_one_letter_code
_entity_poly.pdbx_strand_id
1 'polydeoxyribonucleotide' (DA)(DA)(DA)(DA)(DA)(DA)(DA)(DA)(DA)(DA)(DA)(DA)(DA)(DA)(DA)(DA) C,D
2 'polypeptide(L)'
;GSHMMNDGKQQSTFLFHDYETFGTHPALDRPAQFAAIRTDSEFNVIGEPEVFYCKPADDYLPQPGAVLITGITPQEARAK
GENEAAFAARIHSLFTVPKTCILGYNNVRFDDEVTRNIFYRNFYDPYAWSWQHDNSRWDLLDVMRACYALRPEGINWPEN
DDGLPSFRLEHLTKANGIEHSNAHDAMADVYATIAMAKLVKTRQPRLFDYLFTHRNKHKLMALIDVPQMKPLVHVSGMFG
AWRGNTSWVAPLAWHPENRNAVIMVDLAGDISPLLELDSDTLRERLYTAKTDLGDNAAVPVKLVHINKCPVLAQANTLRP
EDADRLGINRQHCLDNLKILRENPQVREKVVAIFAEAEPFTPSDNVDAQLYNGFFSDADRAAMKIVLETEPRNLPALDIT
FVDKRIEKLLFNYRARNFPGTLDYAEQQRWLEHRRQVFTPEFLQGYADELQMLVQQYADDKEKVALLKALWQYAEEIV
;
A,B
#
# COMPACT_ATOMS: atom_id res chain seq x y z
N GLN C 11 6.02 -24.32 14.29
CA GLN C 11 6.44 -23.19 15.19
C GLN C 11 7.27 -22.15 14.44
N SER C 12 7.13 -20.89 14.84
CA SER C 12 7.87 -19.79 14.21
C SER C 12 9.33 -19.79 14.69
N THR C 13 10.22 -19.26 13.85
CA THR C 13 11.65 -19.24 14.16
C THR C 13 12.35 -17.96 13.69
N PHE C 14 13.47 -17.65 14.33
CA PHE C 14 14.35 -16.55 13.95
C PHE C 14 15.60 -17.11 13.29
N LEU C 15 15.93 -16.61 12.10
CA LEU C 15 17.13 -17.03 11.38
C LEU C 15 18.14 -15.88 11.30
N PHE C 16 19.19 -16.00 12.12
CA PHE C 16 20.27 -15.01 12.15
C PHE C 16 21.35 -15.42 11.15
N HIS C 17 21.74 -14.48 10.28
CA HIS C 17 22.76 -14.75 9.26
C HIS C 17 23.74 -13.59 9.13
N ASP C 18 24.85 -13.84 8.44
CA ASP C 18 25.87 -12.82 8.17
C ASP C 18 26.80 -13.25 7.04
N TYR C 19 26.88 -12.43 5.99
CA TYR C 19 27.80 -12.68 4.88
C TYR C 19 29.19 -12.10 5.16
N GLU C 20 30.20 -12.71 4.55
CA GLU C 20 31.52 -12.11 4.44
C GLU C 20 31.88 -12.07 2.95
N THR C 21 31.85 -10.87 2.36
CA THR C 21 31.96 -10.70 0.91
C THR C 21 33.37 -10.29 0.49
N PHE C 22 33.58 -10.22 -0.83
CA PHE C 22 34.85 -9.75 -1.40
C PHE C 22 34.83 -8.24 -1.69
N GLY C 23 33.71 -7.57 -1.43
CA GLY C 23 33.59 -6.13 -1.65
C GLY C 23 32.24 -5.57 -1.24
N THR C 24 32.14 -4.23 -1.24
CA THR C 24 30.95 -3.53 -0.75
C THR C 24 29.76 -3.61 -1.70
N HIS C 25 30.03 -3.54 -3.01
CA HIS C 25 28.96 -3.54 -4.02
C HIS C 25 28.37 -4.95 -4.17
N PRO C 26 27.12 -5.16 -3.69
CA PRO C 26 26.55 -6.51 -3.65
C PRO C 26 26.40 -7.16 -5.03
N ALA C 27 26.00 -6.38 -6.03
CA ALA C 27 25.80 -6.90 -7.39
C ALA C 27 27.10 -7.26 -8.10
N LEU C 28 28.09 -6.37 -8.02
CA LEU C 28 29.35 -6.53 -8.76
C LEU C 28 30.39 -7.37 -8.01
N ASP C 29 30.39 -7.28 -6.68
CA ASP C 29 31.32 -8.08 -5.87
C ASP C 29 30.69 -9.41 -5.49
N ARG C 30 31.54 -10.42 -5.26
CA ARG C 30 31.08 -11.77 -4.97
C ARG C 30 31.15 -12.06 -3.47
N PRO C 31 30.32 -13.00 -3.00
CA PRO C 31 30.38 -13.43 -1.61
C PRO C 31 31.58 -14.36 -1.37
N ALA C 32 32.08 -14.38 -0.14
CA ALA C 32 33.20 -15.24 0.23
C ALA C 32 32.74 -16.32 1.19
N GLN C 33 32.08 -15.91 2.27
CA GLN C 33 31.61 -16.83 3.31
C GLN C 33 30.18 -16.52 3.73
N PHE C 34 29.43 -17.57 4.08
CA PHE C 34 28.10 -17.43 4.66
C PHE C 34 28.00 -18.30 5.93
N ALA C 35 27.34 -17.73 6.94
CA ALA C 35 27.08 -18.42 8.20
C ALA C 35 25.69 -18.05 8.68
N ALA C 36 25.01 -18.98 9.35
CA ALA C 36 23.66 -18.73 9.86
C ALA C 36 23.28 -19.67 11.01
N ILE C 37 22.43 -19.19 11.91
CA ILE C 37 21.94 -19.98 13.04
C ILE C 37 20.42 -19.86 13.18
N ARG C 38 19.76 -21.01 13.34
CA ARG C 38 18.32 -21.07 13.56
C ARG C 38 18.03 -20.98 15.06
N THR C 39 17.07 -20.14 15.45
CA THR C 39 16.68 -20.02 16.85
C THR C 39 15.17 -19.86 17.01
N ASP C 40 14.69 -19.98 18.25
CA ASP C 40 13.27 -19.81 18.58
C ASP C 40 13.02 -18.37 19.07
N SER C 41 11.77 -18.09 19.45
CA SER C 41 11.39 -16.75 19.91
C SER C 41 12.17 -16.27 21.15
N GLU C 42 12.67 -17.23 21.94
CA GLU C 42 13.51 -16.92 23.10
C GLU C 42 15.00 -16.88 22.75
N PHE C 43 15.33 -16.98 21.46
CA PHE C 43 16.71 -16.96 20.97
C PHE C 43 17.57 -18.09 21.53
N ASN C 44 16.99 -19.30 21.56
CA ASN C 44 17.71 -20.51 21.92
C ASN C 44 18.07 -21.26 20.65
N VAL C 45 19.29 -21.78 20.57
CA VAL C 45 19.82 -22.37 19.34
C VAL C 45 19.10 -23.66 18.97
N ILE C 46 18.45 -23.66 17.80
CA ILE C 46 17.84 -24.85 17.23
C ILE C 46 18.76 -25.40 16.15
N GLY C 47 18.92 -26.72 16.12
CA GLY C 47 19.71 -27.39 15.08
C GLY C 47 21.18 -27.06 15.10
N GLU C 48 21.89 -27.50 14.05
CA GLU C 48 23.33 -27.27 13.94
C GLU C 48 23.61 -25.94 13.26
N PRO C 49 24.69 -25.23 13.67
CA PRO C 49 25.08 -24.00 12.99
C PRO C 49 25.55 -24.25 11.55
N GLU C 50 25.05 -23.46 10.61
CA GLU C 50 25.41 -23.60 9.20
C GLU C 50 26.51 -22.60 8.83
N VAL C 51 27.58 -23.11 8.21
CA VAL C 51 28.67 -22.28 7.69
C VAL C 51 29.20 -22.86 6.39
N PHE C 52 29.37 -22.03 5.37
CA PHE C 52 30.00 -22.47 4.12
C PHE C 52 30.55 -21.33 3.27
N TYR C 53 31.54 -21.67 2.44
CA TYR C 53 32.25 -20.70 1.61
C TYR C 53 31.82 -20.77 0.15
N CYS C 54 32.03 -19.67 -0.57
CA CYS C 54 31.69 -19.58 -1.99
C CYS C 54 32.95 -19.51 -2.85
N LYS C 55 33.03 -20.36 -3.87
CA LYS C 55 34.12 -20.32 -4.83
C LYS C 55 33.94 -19.12 -5.77
N PRO C 56 34.94 -18.22 -5.81
CA PRO C 56 34.85 -17.09 -6.73
C PRO C 56 35.14 -17.53 -8.16
N ALA C 57 34.39 -16.97 -9.12
CA ALA C 57 34.58 -17.29 -10.52
C ALA C 57 35.91 -16.73 -11.04
N ASP C 58 36.28 -17.11 -12.26
CA ASP C 58 37.56 -16.71 -12.85
C ASP C 58 37.49 -15.39 -13.63
N ASP C 59 36.42 -14.62 -13.43
CA ASP C 59 36.25 -13.31 -14.09
C ASP C 59 36.07 -12.19 -13.05
N TYR C 60 36.69 -12.34 -11.89
CA TYR C 60 36.52 -11.38 -10.80
C TYR C 60 37.70 -11.39 -9.84
N LEU C 61 38.15 -10.19 -9.46
CA LEU C 61 39.14 -10.01 -8.41
C LEU C 61 38.49 -9.29 -7.23
N PRO C 62 38.84 -9.69 -6.00
CA PRO C 62 38.23 -9.09 -4.81
C PRO C 62 38.76 -7.69 -4.52
N GLN C 63 38.01 -6.91 -3.75
CA GLN C 63 38.49 -5.61 -3.29
C GLN C 63 39.59 -5.86 -2.25
N PRO C 64 40.80 -5.31 -2.48
CA PRO C 64 41.90 -5.57 -1.55
C PRO C 64 41.60 -5.10 -0.11
N GLY C 65 40.87 -4.00 0.01
CA GLY C 65 40.42 -3.52 1.33
C GLY C 65 39.57 -4.55 2.04
N ALA C 66 38.52 -5.01 1.36
CA ALA C 66 37.61 -6.02 1.92
C ALA C 66 38.37 -7.26 2.40
N VAL C 67 39.42 -7.61 1.67
CA VAL C 67 40.25 -8.76 2.03
C VAL C 67 41.09 -8.46 3.28
N LEU C 68 41.49 -7.21 3.46
CA LEU C 68 42.24 -6.81 4.66
C LEU C 68 41.33 -6.86 5.90
N ILE C 69 40.03 -6.68 5.67
CA ILE C 69 39.03 -6.75 6.74
C ILE C 69 38.69 -8.22 7.02
N THR C 70 38.24 -8.93 5.99
CA THR C 70 37.77 -10.31 6.15
C THR C 70 38.90 -11.28 6.50
N GLY C 71 40.06 -11.09 5.87
CA GLY C 71 41.20 -12.00 6.06
C GLY C 71 40.96 -13.34 5.40
N ILE C 72 40.24 -13.33 4.27
CA ILE C 72 39.90 -14.54 3.53
C ILE C 72 40.35 -14.38 2.07
N THR C 73 41.34 -15.16 1.66
CA THR C 73 41.88 -15.09 0.30
C THR C 73 41.08 -15.98 -0.65
N PRO C 74 40.99 -15.58 -1.94
CA PRO C 74 40.34 -16.40 -2.97
C PRO C 74 40.82 -17.85 -3.01
N GLN C 75 42.08 -18.06 -2.64
CA GLN C 75 42.66 -19.41 -2.55
C GLN C 75 41.97 -20.24 -1.46
N GLU C 76 41.64 -19.60 -0.34
CA GLU C 76 40.96 -20.29 0.77
C GLU C 76 39.52 -20.61 0.40
N ALA C 77 38.84 -19.63 -0.20
CA ALA C 77 37.46 -19.78 -0.63
C ALA C 77 37.33 -20.80 -1.77
N ARG C 78 38.31 -20.81 -2.67
CA ARG C 78 38.35 -21.78 -3.77
C ARG C 78 38.54 -23.20 -3.24
N ALA C 79 39.37 -23.35 -2.21
CA ALA C 79 39.63 -24.65 -1.61
C ALA C 79 38.47 -25.13 -0.76
N LYS C 80 37.99 -24.27 0.13
CA LYS C 80 36.93 -24.64 1.08
C LYS C 80 35.53 -24.65 0.45
N GLY C 81 35.23 -23.63 -0.34
CA GLY C 81 33.84 -23.33 -0.73
C GLY C 81 33.23 -24.14 -1.86
N GLU C 82 31.95 -23.85 -2.12
CA GLU C 82 31.19 -24.46 -3.22
C GLU C 82 30.88 -23.38 -4.25
N ASN C 83 30.54 -23.78 -5.47
CA ASN C 83 30.20 -22.81 -6.52
C ASN C 83 28.95 -21.99 -6.14
N GLU C 84 28.76 -20.87 -6.84
CA GLU C 84 27.72 -19.91 -6.48
C GLU C 84 26.31 -20.49 -6.65
N ALA C 85 26.14 -21.38 -7.62
CA ALA C 85 24.84 -22.03 -7.85
C ALA C 85 24.42 -22.90 -6.67
N ALA C 86 25.39 -23.60 -6.08
CA ALA C 86 25.16 -24.40 -4.88
C ALA C 86 25.02 -23.48 -3.68
N PHE C 87 25.95 -22.53 -3.58
CA PHE C 87 25.94 -21.50 -2.54
C PHE C 87 24.57 -20.84 -2.39
N ALA C 88 23.95 -20.52 -3.53
CA ALA C 88 22.61 -19.95 -3.56
C ALA C 88 21.55 -20.97 -3.19
N ALA C 89 21.77 -22.22 -3.59
CA ALA C 89 20.81 -23.30 -3.32
C ALA C 89 20.71 -23.57 -1.82
N ARG C 90 21.88 -23.68 -1.17
CA ARG C 90 21.92 -23.92 0.28
C ARG C 90 21.28 -22.79 1.08
N ILE C 91 21.53 -21.55 0.67
CA ILE C 91 20.94 -20.39 1.34
C ILE C 91 19.44 -20.32 1.08
N HIS C 92 19.05 -20.55 -0.17
CA HIS C 92 17.64 -20.55 -0.55
C HIS C 92 16.86 -21.67 0.15
N SER C 93 17.52 -22.80 0.40
CA SER C 93 16.93 -23.91 1.13
C SER C 93 16.62 -23.51 2.58
N LEU C 94 17.62 -22.92 3.24
CA LEU C 94 17.46 -22.44 4.61
C LEU C 94 16.43 -21.31 4.71
N PHE C 95 16.51 -20.38 3.78
CA PHE C 95 15.68 -19.17 3.81
C PHE C 95 14.19 -19.43 3.57
N THR C 96 13.88 -20.46 2.78
CA THR C 96 12.49 -20.74 2.39
C THR C 96 11.69 -21.58 3.39
N VAL C 97 12.27 -21.86 4.56
CA VAL C 97 11.56 -22.59 5.60
C VAL C 97 10.40 -21.73 6.12
N PRO C 98 9.17 -22.28 6.13
CA PRO C 98 8.01 -21.52 6.60
C PRO C 98 8.14 -20.99 8.02
N LYS C 99 7.48 -19.87 8.30
CA LYS C 99 7.49 -19.24 9.62
C LYS C 99 8.90 -18.91 10.08
N THR C 100 9.68 -18.29 9.20
CA THR C 100 11.05 -17.89 9.50
C THR C 100 11.22 -16.38 9.37
N CYS C 101 11.72 -15.75 10.43
CA CYS C 101 12.09 -14.33 10.38
C CYS C 101 13.60 -14.21 10.22
N ILE C 102 14.03 -13.79 9.03
CA ILE C 102 15.45 -13.68 8.73
C ILE C 102 15.97 -12.33 9.20
N LEU C 103 17.14 -12.33 9.85
CA LEU C 103 17.70 -11.08 10.36
C LEU C 103 19.22 -11.13 10.53
N GLY C 104 19.79 -9.97 10.85
CA GLY C 104 21.21 -9.84 11.12
C GLY C 104 21.52 -8.48 11.70
N TYR C 105 22.58 -7.85 11.20
CA TYR C 105 22.95 -6.50 11.62
C TYR C 105 23.30 -5.69 10.37
N ASN C 106 22.52 -4.63 10.12
CA ASN C 106 22.64 -3.84 8.88
C ASN C 106 22.38 -4.69 7.63
N ASN C 107 21.51 -5.70 7.77
CA ASN C 107 21.26 -6.65 6.70
C ASN C 107 20.38 -6.10 5.58
N VAL C 108 19.39 -5.29 5.93
CA VAL C 108 18.47 -4.72 4.94
C VAL C 108 19.20 -3.92 3.84
N ARG C 109 20.21 -3.16 4.25
CA ARG C 109 20.96 -2.32 3.32
C ARG C 109 22.35 -2.88 3.00
N PHE C 110 22.48 -4.20 3.01
CA PHE C 110 23.70 -4.88 2.56
C PHE C 110 23.46 -6.36 2.27
N ASP C 111 23.39 -7.17 3.32
CA ASP C 111 23.32 -8.63 3.19
C ASP C 111 22.15 -9.05 2.29
N ASP C 112 20.99 -8.48 2.59
CA ASP C 112 19.77 -8.74 1.82
C ASP C 112 19.95 -8.34 0.36
N GLU C 113 20.75 -7.30 0.11
CA GLU C 113 21.08 -6.91 -1.26
C GLU C 113 21.97 -7.95 -1.92
N VAL C 114 22.82 -8.60 -1.13
CA VAL C 114 23.65 -9.69 -1.64
C VAL C 114 22.75 -10.87 -1.98
N THR C 115 22.04 -11.38 -0.97
CA THR C 115 21.12 -12.50 -1.13
C THR C 115 20.25 -12.36 -2.38
N ARG C 116 19.64 -11.18 -2.54
CA ARG C 116 18.81 -10.86 -3.71
C ARG C 116 19.55 -11.09 -5.03
N ASN C 117 20.80 -10.65 -5.09
CA ASN C 117 21.61 -10.81 -6.31
C ASN C 117 22.00 -12.27 -6.50
N ILE C 118 22.48 -12.88 -5.42
CA ILE C 118 22.81 -14.31 -5.41
C ILE C 118 21.64 -15.14 -5.96
N PHE C 119 20.43 -14.83 -5.51
CA PHE C 119 19.24 -15.49 -6.05
C PHE C 119 18.97 -15.07 -7.49
N TYR C 120 19.14 -13.77 -7.78
CA TYR C 120 18.95 -13.23 -9.13
C TYR C 120 19.94 -13.81 -10.14
N ARG C 121 21.20 -13.97 -9.73
CA ARG C 121 22.24 -14.51 -10.61
C ARG C 121 22.10 -16.02 -10.83
N ASN C 122 21.45 -16.71 -9.90
CA ASN C 122 21.35 -18.17 -9.93
C ASN C 122 19.91 -18.69 -10.03
N PHE C 123 19.05 -17.89 -10.68
CA PHE C 123 17.71 -18.30 -11.09
C PHE C 123 16.75 -18.68 -9.96
N TYR C 124 16.99 -18.12 -8.77
CA TYR C 124 16.04 -18.22 -7.66
C TYR C 124 15.30 -16.89 -7.55
N ASP C 125 14.09 -16.92 -6.97
CA ASP C 125 13.31 -15.71 -6.79
C ASP C 125 13.98 -14.83 -5.73
N PRO C 126 14.26 -13.56 -6.08
CA PRO C 126 15.06 -12.70 -5.19
C PRO C 126 14.31 -12.15 -3.97
N TYR C 127 12.98 -12.21 -3.96
CA TYR C 127 12.18 -11.60 -2.89
C TYR C 127 11.33 -12.57 -2.08
N ALA C 128 10.85 -13.64 -2.72
CA ALA C 128 9.96 -14.64 -2.07
C ALA C 128 10.41 -15.05 -0.67
N TRP C 129 11.72 -15.21 -0.48
CA TRP C 129 12.29 -15.58 0.81
C TRP C 129 11.88 -14.67 1.96
N SER C 130 11.64 -13.39 1.67
CA SER C 130 11.31 -12.41 2.70
C SER C 130 9.86 -12.49 3.19
N TRP C 131 8.94 -12.93 2.31
CA TRP C 131 7.51 -12.92 2.63
C TRP C 131 6.80 -14.28 2.52
N GLN C 132 7.06 -15.02 1.45
CA GLN C 132 6.31 -16.26 1.17
C GLN C 132 6.38 -17.26 2.31
N HIS C 133 5.27 -17.98 2.52
CA HIS C 133 5.12 -18.95 3.60
C HIS C 133 5.22 -18.29 4.99
N ASP C 134 4.49 -17.18 5.14
CA ASP C 134 4.48 -16.41 6.40
C ASP C 134 5.89 -16.04 6.88
N ASN C 135 6.73 -15.60 5.96
CA ASN C 135 8.10 -15.17 6.29
C ASN C 135 8.19 -13.66 6.43
N SER C 136 9.35 -13.20 6.91
CA SER C 136 9.62 -11.78 7.11
C SER C 136 11.12 -11.57 7.24
N ARG C 137 11.53 -10.31 7.33
CA ARG C 137 12.92 -9.98 7.63
C ARG C 137 12.98 -8.91 8.71
N TRP C 138 14.15 -8.77 9.33
CA TRP C 138 14.34 -7.75 10.36
C TRP C 138 15.79 -7.27 10.40
N ASP C 139 16.00 -6.06 10.91
CA ASP C 139 17.34 -5.47 11.04
C ASP C 139 17.50 -4.86 12.43
N LEU C 140 18.46 -5.38 13.18
CA LEU C 140 18.65 -4.98 14.58
C LEU C 140 19.36 -3.64 14.76
N LEU C 141 20.15 -3.22 13.76
CA LEU C 141 20.87 -1.94 13.84
C LEU C 141 20.01 -0.82 14.42
N ASP C 142 18.98 -0.42 13.68
CA ASP C 142 18.08 0.64 14.11
C ASP C 142 17.32 0.29 15.40
N VAL C 143 17.24 -1.01 15.73
CA VAL C 143 16.69 -1.43 17.02
C VAL C 143 17.61 -0.96 18.15
N MET C 144 18.92 -1.01 17.93
CA MET C 144 19.88 -0.59 18.96
C MET C 144 19.82 0.92 19.11
N ARG C 145 19.76 1.60 17.97
CA ARG C 145 19.64 3.06 17.93
C ARG C 145 18.36 3.52 18.59
N ALA C 146 17.26 2.81 18.32
CA ALA C 146 15.97 3.08 18.94
C ALA C 146 15.99 2.78 20.43
N CYS C 147 16.69 1.71 20.82
CA CYS C 147 16.83 1.33 22.22
C CYS C 147 17.61 2.39 22.99
N TYR C 148 18.75 2.80 22.43
CA TYR C 148 19.55 3.88 23.00
C TYR C 148 18.77 5.20 23.06
N ALA C 149 18.13 5.54 21.94
CA ALA C 149 17.42 6.80 21.83
C ALA C 149 16.23 6.88 22.77
N LEU C 150 15.36 5.87 22.69
CA LEU C 150 14.08 5.88 23.43
C LEU C 150 14.18 5.25 24.81
N ARG C 151 14.83 4.10 24.91
CA ARG C 151 14.81 3.30 26.14
C ARG C 151 16.20 2.70 26.44
N PRO C 152 17.17 3.57 26.77
CA PRO C 152 18.56 3.14 27.00
C PRO C 152 18.83 2.42 28.33
N GLU C 153 17.97 2.60 29.33
CA GLU C 153 18.22 2.02 30.66
C GLU C 153 18.38 0.50 30.62
N GLY C 154 19.54 0.03 31.07
CA GLY C 154 19.81 -1.41 31.16
C GLY C 154 21.08 -1.83 30.44
N ILE C 155 21.34 -1.22 29.28
CA ILE C 155 22.46 -1.60 28.42
C ILE C 155 23.56 -0.53 28.46
N ASN C 156 24.81 -0.97 28.38
CA ASN C 156 25.96 -0.07 28.30
C ASN C 156 26.16 0.41 26.87
N TRP C 157 26.23 1.73 26.69
CA TRP C 157 26.36 2.33 25.37
C TRP C 157 27.74 2.97 25.19
N PRO C 158 28.51 2.51 24.17
CA PRO C 158 29.86 3.01 23.99
C PRO C 158 29.90 4.37 23.30
N GLU C 159 30.63 5.31 23.91
CA GLU C 159 30.79 6.66 23.35
C GLU C 159 31.97 6.71 22.40
N ASN C 160 31.91 7.61 21.42
CA ASN C 160 32.96 7.76 20.42
C ASN C 160 34.03 8.78 20.86
N ASP C 161 35.07 8.93 20.03
CA ASP C 161 36.16 9.88 20.30
C ASP C 161 35.64 11.30 20.51
N ASP C 162 34.67 11.70 19.70
CA ASP C 162 34.02 13.00 19.83
C ASP C 162 32.99 13.04 20.97
N GLY C 163 32.68 11.88 21.54
CA GLY C 163 31.72 11.78 22.63
C GLY C 163 30.31 11.51 22.15
N LEU C 164 30.21 10.68 21.11
CA LEU C 164 28.93 10.31 20.51
C LEU C 164 28.73 8.80 20.59
N PRO C 165 27.47 8.33 20.59
CA PRO C 165 27.18 6.90 20.73
C PRO C 165 27.52 6.08 19.49
N SER C 166 28.36 5.06 19.65
CA SER C 166 28.73 4.16 18.56
C SER C 166 27.83 2.92 18.58
N PHE C 167 27.51 2.41 17.40
CA PHE C 167 26.66 1.22 17.27
C PHE C 167 27.29 0.14 16.38
N ARG C 168 28.62 0.00 16.46
CA ARG C 168 29.33 -1.08 15.79
C ARG C 168 29.22 -2.33 16.67
N LEU C 169 28.78 -3.44 16.07
CA LEU C 169 28.53 -4.67 16.81
C LEU C 169 29.67 -5.00 17.78
N GLU C 170 30.88 -5.10 17.23
CA GLU C 170 32.08 -5.40 18.02
C GLU C 170 32.24 -4.45 19.22
N HIS C 171 31.92 -3.17 19.03
CA HIS C 171 32.00 -2.20 20.11
C HIS C 171 30.90 -2.40 21.15
N LEU C 172 29.76 -2.97 20.76
CA LEU C 172 28.66 -3.19 21.69
C LEU C 172 28.93 -4.41 22.57
N THR C 173 29.17 -5.55 21.93
CA THR C 173 29.42 -6.81 22.63
C THR C 173 30.55 -6.71 23.67
N LYS C 174 31.59 -5.95 23.34
CA LYS C 174 32.69 -5.70 24.26
C LYS C 174 32.27 -4.78 25.41
N ALA C 175 31.35 -3.85 25.12
CA ALA C 175 30.91 -2.88 26.11
C ALA C 175 29.96 -3.48 27.13
N ASN C 176 29.41 -4.65 26.82
CA ASN C 176 28.48 -5.35 27.72
C ASN C 176 28.97 -6.75 28.14
N GLY C 177 30.28 -6.97 28.04
CA GLY C 177 30.91 -8.20 28.55
C GLY C 177 30.49 -9.46 27.82
N ILE C 178 30.67 -9.47 26.50
CA ILE C 178 30.40 -10.64 25.67
C ILE C 178 31.66 -11.01 24.90
N GLU C 179 31.86 -12.30 24.67
CA GLU C 179 33.07 -12.79 24.00
C GLU C 179 33.12 -12.32 22.54
N HIS C 180 33.72 -11.16 22.32
CA HIS C 180 33.86 -10.58 20.99
C HIS C 180 35.30 -10.66 20.48
N SER C 181 35.98 -11.77 20.79
CA SER C 181 37.35 -11.98 20.34
C SER C 181 37.34 -12.45 18.89
N ASN C 182 38.29 -11.93 18.10
CA ASN C 182 38.37 -12.23 16.66
C ASN C 182 37.12 -11.76 15.91
N ALA C 183 37.04 -10.46 15.69
CA ALA C 183 35.90 -9.85 15.00
C ALA C 183 35.95 -10.09 13.50
N HIS C 184 34.88 -9.70 12.81
CA HIS C 184 34.74 -9.90 11.36
C HIS C 184 34.85 -11.38 10.95
N ASP C 185 34.13 -12.23 11.68
CA ASP C 185 34.03 -13.65 11.37
C ASP C 185 32.55 -14.03 11.29
N ALA C 186 32.13 -14.49 10.11
CA ALA C 186 30.72 -14.77 9.82
C ALA C 186 29.97 -15.38 10.99
N MET C 187 30.48 -16.52 11.47
CA MET C 187 29.83 -17.26 12.54
C MET C 187 29.97 -16.57 13.90
N ALA C 188 31.10 -15.89 14.13
CA ALA C 188 31.33 -15.21 15.40
C ALA C 188 30.47 -13.96 15.54
N ASP C 189 30.08 -13.38 14.40
CA ASP C 189 29.21 -12.20 14.40
C ASP C 189 27.74 -12.55 14.69
N VAL C 190 27.31 -13.72 14.23
CA VAL C 190 25.93 -14.18 14.43
C VAL C 190 25.63 -14.35 15.93
N TYR C 191 26.55 -15.00 16.65
CA TYR C 191 26.43 -15.13 18.10
C TYR C 191 26.39 -13.75 18.76
N ALA C 192 27.28 -12.86 18.33
CA ALA C 192 27.35 -11.49 18.84
C ALA C 192 26.06 -10.74 18.58
N THR C 193 25.39 -11.07 17.48
CA THR C 193 24.09 -10.48 17.16
C THR C 193 23.00 -11.07 18.06
N ILE C 194 22.91 -12.40 18.06
CA ILE C 194 21.93 -13.12 18.90
C ILE C 194 22.01 -12.66 20.35
N ALA C 195 23.23 -12.53 20.86
CA ALA C 195 23.45 -12.02 22.22
C ALA C 195 22.92 -10.58 22.35
N MET C 196 23.18 -9.76 21.34
CA MET C 196 22.75 -8.36 21.35
C MET C 196 21.23 -8.24 21.32
N ALA C 197 20.58 -9.18 20.64
CA ALA C 197 19.11 -9.28 20.66
C ALA C 197 18.67 -9.72 22.05
N LYS C 198 19.19 -10.87 22.48
CA LYS C 198 18.90 -11.43 23.81
C LYS C 198 19.02 -10.39 24.91
N LEU C 199 20.01 -9.50 24.80
CA LEU C 199 20.20 -8.43 25.76
C LEU C 199 19.02 -7.43 25.73
N VAL C 200 18.65 -6.99 24.53
CA VAL C 200 17.63 -5.94 24.39
C VAL C 200 16.25 -6.49 24.70
N LYS C 201 16.02 -7.75 24.35
CA LYS C 201 14.77 -8.44 24.68
C LYS C 201 14.57 -8.48 26.19
N THR C 202 15.63 -8.84 26.92
CA THR C 202 15.59 -8.91 28.38
C THR C 202 15.49 -7.52 28.99
N ARG C 203 16.39 -6.63 28.60
CA ARG C 203 16.49 -5.30 29.21
C ARG C 203 15.32 -4.38 28.84
N GLN C 204 14.69 -4.62 27.69
CA GLN C 204 13.63 -3.74 27.20
C GLN C 204 12.68 -4.49 26.26
N PRO C 205 11.77 -5.30 26.82
CA PRO C 205 10.89 -6.12 25.98
C PRO C 205 9.88 -5.31 25.18
N ARG C 206 9.09 -4.47 25.85
CA ARG C 206 8.05 -3.66 25.19
C ARG C 206 8.52 -3.10 23.85
N LEU C 207 9.62 -2.37 23.87
CA LEU C 207 10.20 -1.77 22.68
C LEU C 207 10.57 -2.83 21.65
N PHE C 208 11.24 -3.89 22.12
CA PHE C 208 11.69 -4.97 21.24
C PHE C 208 10.51 -5.59 20.50
N ASP C 209 9.39 -5.73 21.21
CA ASP C 209 8.17 -6.28 20.63
C ASP C 209 7.55 -5.27 19.68
N TYR C 210 7.31 -4.05 20.17
CA TYR C 210 6.77 -2.98 19.33
C TYR C 210 7.50 -2.94 18.00
N LEU C 211 8.82 -2.78 18.06
CA LEU C 211 9.67 -2.74 16.87
C LEU C 211 9.63 -4.02 16.05
N PHE C 212 9.40 -5.16 16.71
CA PHE C 212 9.30 -6.43 15.99
C PHE C 212 8.00 -6.47 15.18
N THR C 213 6.87 -6.40 15.88
CA THR C 213 5.56 -6.36 15.24
C THR C 213 5.46 -5.24 14.20
N HIS C 214 6.15 -4.13 14.43
CA HIS C 214 6.18 -3.02 13.48
C HIS C 214 7.32 -3.11 12.46
N ARG C 215 7.84 -4.32 12.24
CA ARG C 215 8.75 -4.56 11.11
C ARG C 215 7.97 -4.70 9.81
N ASN C 216 6.65 -4.89 9.91
CA ASN C 216 5.80 -5.14 8.76
C ASN C 216 5.33 -3.88 8.04
N LYS C 217 5.52 -3.89 6.72
CA LYS C 217 5.05 -2.85 5.80
C LYS C 217 3.66 -2.35 6.17
N HIS C 218 2.73 -3.28 6.36
CA HIS C 218 1.34 -2.96 6.67
C HIS C 218 1.19 -2.49 8.11
N LYS C 219 2.03 -3.01 9.00
CA LYS C 219 1.99 -2.63 10.41
C LYS C 219 2.43 -1.19 10.59
N LEU C 220 3.43 -0.78 9.81
CA LEU C 220 3.91 0.61 9.83
C LEU C 220 2.84 1.56 9.27
N MET C 221 2.26 1.16 8.14
CA MET C 221 1.22 1.94 7.45
C MET C 221 0.25 2.62 8.41
N ALA C 222 -0.26 1.83 9.37
CA ALA C 222 -1.24 2.31 10.36
C ALA C 222 -0.85 3.63 11.01
N LEU C 223 0.45 3.83 11.25
CA LEU C 223 0.94 5.04 11.91
C LEU C 223 0.87 6.28 11.01
N ILE C 224 0.84 6.09 9.70
CA ILE C 224 0.94 7.20 8.74
C ILE C 224 -0.43 7.80 8.43
N ASP C 225 -0.66 9.03 8.88
CA ASP C 225 -1.90 9.77 8.63
C ASP C 225 -1.62 11.04 7.81
N VAL C 226 -1.07 10.82 6.61
CA VAL C 226 -0.64 11.91 5.72
C VAL C 226 -1.58 13.12 5.74
N PRO C 227 -2.88 12.92 5.42
CA PRO C 227 -3.80 14.06 5.39
C PRO C 227 -3.74 14.94 6.64
N GLN C 228 -3.65 14.31 7.81
CA GLN C 228 -3.62 15.05 9.08
C GLN C 228 -2.20 15.39 9.52
N MET C 229 -1.20 14.89 8.79
CA MET C 229 0.22 15.10 9.12
C MET C 229 0.51 14.79 10.58
N LYS C 230 0.08 13.61 11.03
CA LYS C 230 0.28 13.18 12.41
C LYS C 230 1.76 12.98 12.68
N PRO C 231 2.33 13.69 13.67
CA PRO C 231 3.76 13.61 13.92
C PRO C 231 4.19 12.24 14.44
N LEU C 232 5.34 11.77 13.97
CA LEU C 232 5.86 10.46 14.36
C LEU C 232 7.33 10.55 14.77
N VAL C 233 7.73 9.69 15.69
CA VAL C 233 9.13 9.59 16.09
C VAL C 233 9.82 8.72 15.06
N HIS C 234 10.95 9.17 14.53
CA HIS C 234 11.70 8.37 13.56
C HIS C 234 13.16 8.26 13.94
N VAL C 235 13.63 7.02 14.08
CA VAL C 235 15.03 6.73 14.38
C VAL C 235 15.72 6.28 13.10
N SER C 236 16.83 6.91 12.78
CA SER C 236 17.61 6.60 11.57
C SER C 236 19.01 7.18 11.68
N GLY C 237 19.99 6.45 11.16
CA GLY C 237 21.38 6.90 11.15
C GLY C 237 21.58 8.17 10.35
N MET C 238 20.72 8.39 9.36
CA MET C 238 20.78 9.57 8.50
C MET C 238 20.68 10.88 9.28
N PHE C 239 19.99 10.87 10.42
CA PHE C 239 19.84 12.07 11.26
C PHE C 239 21.19 12.50 11.85
N GLY C 240 21.78 11.66 12.70
CA GLY C 240 23.08 11.95 13.29
C GLY C 240 23.23 11.49 14.73
N ALA C 241 24.42 10.97 15.06
CA ALA C 241 24.72 10.47 16.41
C ALA C 241 24.58 11.53 17.49
N TRP C 242 24.79 12.80 17.12
CA TRP C 242 24.57 13.93 18.03
C TRP C 242 23.08 14.16 18.33
N ARG C 243 22.19 13.59 17.50
CA ARG C 243 20.74 13.65 17.73
C ARG C 243 20.22 12.30 18.23
N GLY C 244 21.11 11.47 18.76
CA GLY C 244 20.79 10.08 19.10
C GLY C 244 20.20 9.32 17.92
N ASN C 245 20.58 9.75 16.71
CA ASN C 245 19.99 9.25 15.47
C ASN C 245 18.46 9.37 15.45
N THR C 246 17.92 10.39 16.12
CA THR C 246 16.47 10.46 16.36
C THR C 246 15.87 11.85 16.10
N SER C 247 14.61 11.86 15.67
CA SER C 247 13.88 13.10 15.44
C SER C 247 12.37 12.88 15.28
N TRP C 248 11.62 13.97 15.45
CA TRP C 248 10.19 14.01 15.12
C TRP C 248 10.06 14.31 13.63
N VAL C 249 9.11 13.65 12.98
CA VAL C 249 8.87 13.83 11.55
C VAL C 249 7.38 13.85 11.23
N ALA C 250 7.04 14.50 10.12
CA ALA C 250 5.65 14.62 9.67
C ALA C 250 5.53 14.19 8.21
N PRO C 251 4.62 13.24 7.93
CA PRO C 251 4.45 12.75 6.57
C PRO C 251 3.66 13.73 5.69
N LEU C 252 4.31 14.29 4.67
CA LEU C 252 3.66 15.23 3.76
C LEU C 252 2.81 14.52 2.73
N ALA C 253 3.37 13.52 2.07
CA ALA C 253 2.65 12.79 1.02
C ALA C 253 3.34 11.49 0.63
N TRP C 254 2.58 10.64 -0.07
CA TRP C 254 3.11 9.38 -0.62
C TRP C 254 4.02 9.68 -1.80
N HIS C 255 5.11 8.93 -1.91
CA HIS C 255 6.05 9.08 -3.02
C HIS C 255 5.31 8.77 -4.33
N PRO C 256 5.41 9.66 -5.33
CA PRO C 256 4.55 9.59 -6.52
C PRO C 256 4.74 8.35 -7.41
N GLU C 257 5.98 7.85 -7.49
CA GLU C 257 6.30 6.69 -8.32
C GLU C 257 6.47 5.43 -7.46
N ASN C 258 7.45 5.45 -6.56
CA ASN C 258 7.67 4.36 -5.61
C ASN C 258 6.52 4.27 -4.59
N ARG C 259 5.94 3.08 -4.45
CA ARG C 259 4.79 2.88 -3.57
C ARG C 259 5.19 2.61 -2.11
N ASN C 260 6.39 2.09 -1.89
CA ASN C 260 6.88 1.78 -0.55
C ASN C 260 7.58 2.96 0.14
N ALA C 261 7.62 4.11 -0.51
CA ALA C 261 8.26 5.30 0.06
C ALA C 261 7.22 6.35 0.42
N VAL C 262 7.49 7.09 1.49
CA VAL C 262 6.62 8.19 1.94
C VAL C 262 7.47 9.40 2.32
N ILE C 263 7.04 10.58 1.89
CA ILE C 263 7.84 11.80 2.06
C ILE C 263 7.65 12.39 3.45
N MET C 264 8.70 12.32 4.25
CA MET C 264 8.70 12.84 5.62
C MET C 264 9.44 14.17 5.70
N VAL C 265 8.88 15.10 6.46
CA VAL C 265 9.52 16.38 6.76
C VAL C 265 10.15 16.31 8.15
N ASP C 266 11.40 16.75 8.25
CA ASP C 266 12.08 16.84 9.54
C ASP C 266 11.58 18.09 10.27
N LEU C 267 10.91 17.89 11.40
CA LEU C 267 10.34 18.99 12.18
C LEU C 267 11.41 19.73 12.99
N ALA C 268 12.56 19.08 13.21
CA ALA C 268 13.68 19.69 13.91
C ALA C 268 14.43 20.70 13.03
N GLY C 269 14.44 20.46 11.72
CA GLY C 269 15.14 21.34 10.78
C GLY C 269 14.44 22.65 10.54
N ASP C 270 15.16 23.60 9.95
CA ASP C 270 14.62 24.92 9.62
C ASP C 270 13.78 24.84 8.34
N ILE C 271 12.48 25.11 8.46
CA ILE C 271 11.54 24.88 7.36
C ILE C 271 11.30 26.08 6.44
N SER C 272 12.19 27.07 6.50
CA SER C 272 12.05 28.27 5.66
C SER C 272 12.18 27.99 4.16
N PRO C 273 13.19 27.20 3.74
CA PRO C 273 13.39 26.96 2.30
C PRO C 273 12.13 26.41 1.61
N LEU C 274 11.40 25.54 2.29
CA LEU C 274 10.15 24.99 1.76
C LEU C 274 9.09 26.08 1.60
N LEU C 275 9.09 27.06 2.49
CA LEU C 275 8.10 28.14 2.46
C LEU C 275 8.49 29.21 1.44
N GLU C 276 9.80 29.37 1.23
CA GLU C 276 10.32 30.42 0.35
C GLU C 276 10.53 29.94 -1.09
N LEU C 277 11.41 28.96 -1.26
CA LEU C 277 11.82 28.49 -2.58
C LEU C 277 10.76 27.61 -3.25
N ASP C 278 10.80 27.57 -4.58
CA ASP C 278 9.91 26.71 -5.36
C ASP C 278 10.49 25.30 -5.49
N SER C 279 9.75 24.40 -6.13
CA SER C 279 10.16 23.00 -6.25
C SER C 279 11.48 22.83 -7.01
N ASP C 280 11.51 23.30 -8.25
CA ASP C 280 12.68 23.17 -9.11
C ASP C 280 13.99 23.53 -8.40
N THR C 281 13.96 24.65 -7.68
CA THR C 281 15.12 25.10 -6.90
C THR C 281 15.35 24.23 -5.67
N LEU C 282 14.26 23.85 -5.00
CA LEU C 282 14.35 23.00 -3.79
C LEU C 282 15.05 21.69 -4.11
N ARG C 283 14.60 21.04 -5.19
CA ARG C 283 15.20 19.80 -5.67
C ARG C 283 16.71 19.94 -5.79
N GLU C 284 17.15 20.91 -6.60
CA GLU C 284 18.58 21.22 -6.72
C GLU C 284 19.20 21.52 -5.36
N ARG C 285 18.42 22.16 -4.47
CA ARG C 285 18.86 22.45 -3.12
C ARG C 285 18.92 21.19 -2.25
N LEU C 286 18.14 20.17 -2.60
CA LEU C 286 18.10 18.93 -1.82
C LEU C 286 19.34 18.08 -2.10
N TYR C 287 19.78 18.10 -3.35
CA TYR C 287 20.91 17.28 -3.78
C TYR C 287 22.20 18.11 -3.86
N THR C 288 22.58 18.70 -2.73
CA THR C 288 23.80 19.50 -2.63
C THR C 288 24.51 19.19 -1.31
N ALA C 289 25.83 19.05 -1.36
CA ALA C 289 26.63 18.69 -0.19
C ALA C 289 26.70 19.81 0.82
N LYS C 290 26.85 19.44 2.10
CA LYS C 290 26.94 20.41 3.19
C LYS C 290 28.25 21.22 3.15
N THR C 291 29.30 20.61 2.60
CA THR C 291 30.60 21.28 2.48
C THR C 291 30.54 22.40 1.45
N ASP C 292 30.10 22.07 0.23
CA ASP C 292 29.98 23.05 -0.85
C ASP C 292 28.69 23.88 -0.77
N LEU C 293 27.78 23.52 0.14
CA LEU C 293 26.59 24.33 0.41
C LEU C 293 27.00 25.62 1.12
N GLY C 294 26.40 26.74 0.69
CA GLY C 294 26.75 28.05 1.23
C GLY C 294 26.15 28.34 2.59
N ASP C 295 25.77 29.60 2.81
CA ASP C 295 25.17 30.02 4.08
C ASP C 295 23.64 29.93 4.01
N ASN C 296 23.15 28.74 3.68
CA ASN C 296 21.71 28.47 3.61
C ASN C 296 21.36 27.22 4.41
N ALA C 297 20.13 27.16 4.89
CA ALA C 297 19.62 25.98 5.58
C ALA C 297 19.28 24.90 4.56
N ALA C 298 19.64 23.65 4.87
CA ALA C 298 19.36 22.53 3.97
C ALA C 298 17.88 22.17 4.02
N VAL C 299 17.42 21.42 3.02
CA VAL C 299 16.02 21.01 2.94
C VAL C 299 15.74 19.92 3.98
N PRO C 300 14.86 20.20 4.95
CA PRO C 300 14.56 19.23 6.01
C PRO C 300 13.51 18.21 5.57
N VAL C 301 13.89 17.36 4.61
CA VAL C 301 13.00 16.37 4.03
C VAL C 301 13.76 15.06 3.81
N LYS C 302 13.09 13.94 4.06
CA LYS C 302 13.66 12.63 3.74
C LYS C 302 12.56 11.60 3.48
N LEU C 303 12.92 10.54 2.77
CA LEU C 303 12.00 9.45 2.49
C LEU C 303 12.14 8.36 3.56
N VAL C 304 11.06 7.62 3.78
CA VAL C 304 11.08 6.45 4.65
C VAL C 304 10.51 5.27 3.88
N HIS C 305 11.36 4.26 3.67
CA HIS C 305 10.98 3.08 2.89
C HIS C 305 10.34 2.04 3.81
N ILE C 306 9.01 1.96 3.77
CA ILE C 306 8.26 1.10 4.69
C ILE C 306 8.58 -0.40 4.56
N ASN C 307 9.21 -0.78 3.46
CA ASN C 307 9.67 -2.16 3.26
C ASN C 307 11.12 -2.40 3.71
N LYS C 308 11.80 -1.36 4.21
CA LYS C 308 13.20 -1.50 4.63
C LYS C 308 13.37 -1.38 6.15
N CYS C 309 12.40 -1.92 6.90
CA CYS C 309 12.43 -1.92 8.37
C CYS C 309 12.82 -0.57 8.99
N PRO C 310 12.05 0.50 8.69
CA PRO C 310 12.29 1.78 9.33
C PRO C 310 11.61 1.86 10.70
N VAL C 311 12.31 2.38 11.69
CA VAL C 311 11.76 2.58 13.01
C VAL C 311 10.82 3.78 13.00
N LEU C 312 9.53 3.53 13.21
CA LEU C 312 8.53 4.60 13.36
C LEU C 312 7.65 4.31 14.57
N ALA C 313 7.40 5.33 15.37
CA ALA C 313 6.48 5.26 16.50
C ALA C 313 5.71 6.57 16.62
N GLN C 314 4.74 6.62 17.53
CA GLN C 314 3.97 7.84 17.74
C GLN C 314 4.68 8.77 18.73
N ALA C 315 4.50 10.07 18.52
CA ALA C 315 5.19 11.13 19.27
C ALA C 315 5.45 10.79 20.74
N ASN C 316 4.38 10.45 21.47
CA ASN C 316 4.47 10.23 22.91
C ASN C 316 5.44 9.12 23.34
N THR C 317 5.88 8.29 22.40
CA THR C 317 6.94 7.32 22.66
C THR C 317 8.24 8.05 23.04
N LEU C 318 8.53 9.15 22.34
CA LEU C 318 9.67 9.99 22.68
C LEU C 318 9.27 10.93 23.80
N ARG C 319 9.75 10.64 25.01
CA ARG C 319 9.35 11.39 26.20
C ARG C 319 10.20 12.65 26.38
N PRO C 320 9.63 13.71 26.97
CA PRO C 320 10.33 14.99 27.14
C PRO C 320 11.67 14.88 27.89
N GLU C 321 11.80 13.87 28.73
CA GLU C 321 13.09 13.53 29.33
C GLU C 321 14.04 13.09 28.21
N ASP C 322 13.65 12.04 27.49
CA ASP C 322 14.48 11.46 26.44
C ASP C 322 14.84 12.51 25.39
N ALA C 323 13.94 13.48 25.21
CA ALA C 323 14.22 14.62 24.34
C ALA C 323 15.39 15.42 24.91
N ASP C 324 15.26 15.83 26.18
CA ASP C 324 16.29 16.65 26.83
C ASP C 324 17.62 15.91 26.91
N ARG C 325 17.55 14.58 26.97
CA ARG C 325 18.74 13.74 26.94
C ARG C 325 19.41 13.75 25.56
N LEU C 326 18.62 13.94 24.51
CA LEU C 326 19.14 13.87 23.14
C LEU C 326 19.30 15.25 22.49
N GLY C 327 18.91 16.30 23.22
CA GLY C 327 19.03 17.66 22.74
C GLY C 327 18.12 17.97 21.56
N ILE C 328 16.87 17.54 21.68
CA ILE C 328 15.86 17.77 20.64
C ILE C 328 14.78 18.70 21.18
N ASN C 329 14.63 19.87 20.56
CA ASN C 329 13.66 20.86 20.99
C ASN C 329 12.25 20.49 20.56
N ARG C 330 11.41 20.14 21.53
CA ARG C 330 10.03 19.74 21.27
C ARG C 330 9.18 20.92 20.79
N GLN C 331 9.42 22.09 21.36
CA GLN C 331 8.68 23.30 20.98
C GLN C 331 8.91 23.67 19.52
N HIS C 332 10.17 23.65 19.10
CA HIS C 332 10.53 23.95 17.72
C HIS C 332 9.90 22.97 16.73
N CYS C 333 9.85 21.70 17.12
CA CYS C 333 9.16 20.67 16.34
C CYS C 333 7.65 20.93 16.30
N LEU C 334 7.08 21.29 17.45
CA LEU C 334 5.65 21.59 17.54
C LEU C 334 5.25 22.83 16.75
N ASP C 335 6.15 23.81 16.65
CA ASP C 335 5.89 25.04 15.90
C ASP C 335 5.80 24.76 14.40
N ASN C 336 6.90 24.22 13.84
CA ASN C 336 6.98 23.89 12.42
C ASN C 336 5.81 23.05 11.93
N LEU C 337 5.34 22.13 12.77
CA LEU C 337 4.16 21.33 12.47
C LEU C 337 2.93 22.21 12.23
N LYS C 338 2.74 23.21 13.10
CA LYS C 338 1.59 24.12 13.00
C LYS C 338 1.70 24.97 11.74
N ILE C 339 2.94 25.30 11.36
CA ILE C 339 3.20 26.08 10.15
C ILE C 339 2.91 25.23 8.91
N LEU C 340 3.37 23.97 8.94
CA LEU C 340 3.10 23.02 7.86
C LEU C 340 1.61 22.71 7.72
N ARG C 341 0.91 22.58 8.85
CA ARG C 341 -0.55 22.44 8.84
C ARG C 341 -1.22 23.72 8.34
N GLU C 342 -0.64 24.87 8.71
CA GLU C 342 -1.15 26.17 8.27
C GLU C 342 -0.90 26.44 6.78
N ASN C 343 0.10 25.77 6.20
CA ASN C 343 0.47 25.98 4.80
C ASN C 343 0.44 24.70 3.97
N PRO C 344 -0.70 24.44 3.29
CA PRO C 344 -0.81 23.31 2.34
C PRO C 344 0.15 23.42 1.15
N GLN C 345 0.30 24.62 0.61
CA GLN C 345 1.17 24.87 -0.55
C GLN C 345 2.58 24.27 -0.44
N VAL C 346 3.03 24.02 0.79
CA VAL C 346 4.31 23.36 1.03
C VAL C 346 4.33 21.95 0.44
N ARG C 347 3.26 21.19 0.65
CA ARG C 347 3.18 19.82 0.15
C ARG C 347 3.30 19.81 -1.39
N GLU C 348 2.45 20.58 -2.04
CA GLU C 348 2.41 20.69 -3.50
C GLU C 348 3.80 20.74 -4.12
N LYS C 349 4.63 21.65 -3.61
CA LYS C 349 5.98 21.86 -4.11
C LYS C 349 6.91 20.70 -3.79
N VAL C 350 6.71 20.07 -2.63
CA VAL C 350 7.60 19.01 -2.17
C VAL C 350 7.46 17.75 -3.02
N VAL C 351 6.23 17.23 -3.11
CA VAL C 351 5.96 16.00 -3.85
C VAL C 351 6.55 16.07 -5.27
N ALA C 352 6.31 17.20 -5.93
CA ALA C 352 6.82 17.44 -7.29
C ALA C 352 8.32 17.23 -7.42
N ILE C 353 9.07 17.40 -6.33
CA ILE C 353 10.51 17.14 -6.32
C ILE C 353 10.80 15.68 -6.64
N PHE C 354 9.96 14.77 -6.12
CA PHE C 354 10.18 13.33 -6.28
C PHE C 354 9.46 12.72 -7.48
N ALA C 355 8.83 13.56 -8.30
CA ALA C 355 8.12 13.10 -9.50
C ALA C 355 9.04 13.02 -10.73
N GLU C 356 10.19 13.68 -10.66
CA GLU C 356 11.17 13.69 -11.75
C GLU C 356 11.68 12.28 -12.12
N ALA C 357 11.98 12.09 -13.40
CA ALA C 357 12.41 10.78 -13.92
C ALA C 357 13.87 10.49 -13.60
N GLU C 358 14.23 9.21 -13.68
CA GLU C 358 15.58 8.74 -13.33
C GLU C 358 16.66 9.46 -14.15
N PRO C 359 17.52 10.25 -13.48
CA PRO C 359 18.59 10.95 -14.21
C PRO C 359 19.74 10.05 -14.69
N PHE C 360 19.83 8.84 -14.13
CA PHE C 360 20.96 7.94 -14.39
C PHE C 360 20.60 6.94 -15.49
N THR C 361 21.52 6.72 -16.42
CA THR C 361 21.32 5.77 -17.51
C THR C 361 21.61 4.35 -17.01
N PRO C 362 20.65 3.42 -17.19
CA PRO C 362 20.85 2.02 -16.79
C PRO C 362 22.11 1.37 -17.36
N SER C 363 22.82 0.61 -16.53
CA SER C 363 24.03 -0.09 -16.95
C SER C 363 23.67 -1.34 -17.75
N ASP C 364 24.53 -1.71 -18.68
CA ASP C 364 24.32 -2.89 -19.53
C ASP C 364 24.93 -4.16 -18.92
N ASN C 365 25.53 -4.04 -17.74
CA ASN C 365 26.03 -5.20 -16.99
C ASN C 365 24.87 -5.99 -16.39
N VAL C 366 24.64 -7.19 -16.91
CA VAL C 366 23.49 -8.02 -16.52
C VAL C 366 23.39 -8.25 -15.01
N ASP C 367 24.53 -8.25 -14.31
CA ASP C 367 24.57 -8.40 -12.87
C ASP C 367 23.88 -7.24 -12.13
N ALA C 368 23.86 -6.05 -12.75
CA ALA C 368 23.35 -4.84 -12.11
C ALA C 368 21.92 -4.46 -12.50
N GLN C 369 21.22 -5.34 -13.21
CA GLN C 369 19.88 -5.01 -13.74
C GLN C 369 18.72 -5.58 -12.91
N LEU C 370 19.03 -6.13 -11.73
CA LEU C 370 18.03 -6.72 -10.84
C LEU C 370 16.73 -5.92 -10.77
N TYR C 371 16.85 -4.61 -10.61
CA TYR C 371 15.69 -3.74 -10.41
C TYR C 371 15.07 -3.22 -11.72
N ASN C 372 15.32 -3.91 -12.84
CA ASN C 372 14.68 -3.55 -14.12
C ASN C 372 13.33 -4.25 -14.29
N GLY C 373 12.47 -4.17 -13.27
CA GLY C 373 11.16 -4.81 -13.28
C GLY C 373 11.19 -6.24 -12.77
N PHE C 374 10.01 -6.78 -12.49
CA PHE C 374 9.88 -8.17 -12.04
C PHE C 374 9.88 -9.11 -13.24
N PHE C 375 10.02 -10.40 -12.96
CA PHE C 375 9.90 -11.45 -13.97
C PHE C 375 8.45 -11.94 -14.03
N SER C 376 8.00 -12.32 -15.22
CA SER C 376 6.64 -12.82 -15.42
C SER C 376 6.48 -14.23 -14.83
N ASP C 377 5.25 -14.73 -14.83
CA ASP C 377 4.95 -16.08 -14.34
C ASP C 377 5.53 -17.13 -15.30
N ALA C 378 5.42 -16.87 -16.60
CA ALA C 378 5.95 -17.77 -17.63
C ALA C 378 7.47 -17.89 -17.51
N ASP C 379 8.16 -16.75 -17.45
CA ASP C 379 9.61 -16.72 -17.26
C ASP C 379 9.99 -17.31 -15.89
N ARG C 380 9.21 -16.97 -14.86
CA ARG C 380 9.44 -17.50 -13.51
C ARG C 380 9.39 -19.02 -13.50
N ALA C 381 8.39 -19.58 -14.18
CA ALA C 381 8.25 -21.03 -14.32
C ALA C 381 9.39 -21.62 -15.17
N ALA C 382 9.60 -21.02 -16.34
CA ALA C 382 10.66 -21.45 -17.26
C ALA C 382 12.03 -21.47 -16.60
N MET C 383 12.29 -20.51 -15.71
CA MET C 383 13.55 -20.47 -14.96
C MET C 383 13.64 -21.57 -13.89
N LYS C 384 12.50 -22.11 -13.48
CA LYS C 384 12.48 -23.25 -12.56
C LYS C 384 12.94 -24.50 -13.31
N ILE C 385 12.44 -24.66 -14.53
CA ILE C 385 12.81 -25.76 -15.41
C ILE C 385 14.32 -25.72 -15.68
N VAL C 386 14.90 -24.52 -15.74
CA VAL C 386 16.34 -24.35 -15.85
C VAL C 386 17.04 -24.85 -14.57
N LEU C 387 16.41 -24.62 -13.41
CA LEU C 387 16.98 -25.08 -12.14
C LEU C 387 16.92 -26.60 -12.05
N GLU C 388 15.80 -27.19 -12.46
CA GLU C 388 15.62 -28.63 -12.40
C GLU C 388 16.43 -29.36 -13.47
N THR C 389 16.54 -28.77 -14.65
CA THR C 389 17.32 -29.35 -15.74
C THR C 389 18.81 -29.37 -15.38
N GLU C 390 19.45 -30.52 -15.61
CA GLU C 390 20.88 -30.69 -15.32
C GLU C 390 21.73 -29.83 -16.27
N PRO C 391 22.89 -29.33 -15.78
CA PRO C 391 23.74 -28.42 -16.54
C PRO C 391 24.01 -28.85 -17.99
N ARG C 392 24.56 -30.05 -18.17
CA ARG C 392 24.92 -30.57 -19.49
C ARG C 392 23.80 -30.45 -20.52
N ASN C 393 22.56 -30.62 -20.05
CA ASN C 393 21.39 -30.58 -20.93
C ASN C 393 20.73 -29.19 -21.03
N LEU C 394 21.37 -28.16 -20.49
CA LEU C 394 20.80 -26.80 -20.55
C LEU C 394 20.74 -26.23 -21.99
N PRO C 395 21.84 -26.34 -22.75
CA PRO C 395 21.83 -25.82 -24.12
C PRO C 395 20.91 -26.59 -25.07
N ALA C 396 20.76 -27.89 -24.85
CA ALA C 396 19.88 -28.74 -25.65
C ALA C 396 18.41 -28.37 -25.48
N LEU C 397 18.07 -27.78 -24.33
CA LEU C 397 16.71 -27.34 -24.05
C LEU C 397 16.43 -26.01 -24.75
N ASP C 398 15.48 -26.02 -25.69
CA ASP C 398 15.10 -24.81 -26.41
C ASP C 398 13.92 -24.12 -25.73
N ILE C 399 14.20 -23.02 -25.04
CA ILE C 399 13.18 -22.24 -24.35
C ILE C 399 13.05 -20.85 -24.97
N THR C 400 11.81 -20.40 -25.16
CA THR C 400 11.53 -19.05 -25.62
C THR C 400 11.28 -18.13 -24.43
N PHE C 401 12.33 -17.45 -23.98
CA PHE C 401 12.23 -16.50 -22.87
C PHE C 401 11.75 -15.15 -23.38
N VAL C 402 11.10 -14.39 -22.48
CA VAL C 402 10.60 -13.05 -22.81
C VAL C 402 11.59 -11.98 -22.33
N ASP C 403 12.05 -12.12 -21.09
CA ASP C 403 12.92 -11.11 -20.48
C ASP C 403 14.36 -11.23 -20.97
N LYS C 404 14.81 -10.22 -21.72
CA LYS C 404 16.13 -10.20 -22.34
C LYS C 404 17.30 -10.45 -21.38
N ARG C 405 17.08 -10.20 -20.10
CA ARG C 405 18.09 -10.47 -19.08
C ARG C 405 18.37 -11.97 -18.90
N ILE C 406 17.38 -12.80 -19.21
CA ILE C 406 17.48 -14.24 -18.91
C ILE C 406 18.59 -14.93 -19.72
N GLU C 407 18.69 -14.59 -21.00
CA GLU C 407 19.72 -15.16 -21.88
C GLU C 407 21.12 -14.81 -21.40
N LYS C 408 21.32 -13.55 -21.02
CA LYS C 408 22.61 -13.09 -20.49
C LYS C 408 22.89 -13.69 -19.11
N LEU C 409 21.85 -13.80 -18.29
CA LEU C 409 21.95 -14.44 -16.98
C LEU C 409 22.35 -15.91 -17.10
N LEU C 410 21.76 -16.60 -18.08
CA LEU C 410 22.03 -18.02 -18.30
C LEU C 410 23.50 -18.26 -18.66
N PHE C 411 23.94 -17.62 -19.74
CA PHE C 411 25.32 -17.78 -20.22
C PHE C 411 26.34 -17.54 -19.11
N ASN C 412 26.12 -16.49 -18.32
CA ASN C 412 26.97 -16.19 -17.17
C ASN C 412 26.90 -17.29 -16.11
N TYR C 413 25.69 -17.79 -15.88
CA TYR C 413 25.45 -18.85 -14.89
C TYR C 413 26.26 -20.08 -15.29
N ARG C 414 26.02 -20.56 -16.51
CA ARG C 414 26.69 -21.74 -17.04
C ARG C 414 28.20 -21.54 -17.16
N ALA C 415 28.62 -20.37 -17.64
CA ALA C 415 30.04 -20.07 -17.83
C ALA C 415 30.80 -19.94 -16.52
N ARG C 416 30.19 -19.30 -15.53
CA ARG C 416 30.81 -19.14 -14.22
C ARG C 416 30.78 -20.43 -13.41
N ASN C 417 29.59 -21.01 -13.27
CA ASN C 417 29.43 -22.19 -12.40
C ASN C 417 29.86 -23.51 -13.07
N PHE C 418 29.64 -23.63 -14.37
CA PHE C 418 29.89 -24.87 -15.09
C PHE C 418 30.66 -24.64 -16.39
N PRO C 419 31.93 -24.21 -16.29
CA PRO C 419 32.73 -23.94 -17.49
C PRO C 419 32.85 -25.17 -18.40
N GLY C 420 33.02 -26.34 -17.80
CA GLY C 420 33.12 -27.59 -18.53
C GLY C 420 31.91 -27.95 -19.40
N THR C 421 30.81 -27.23 -19.22
CA THR C 421 29.63 -27.42 -20.06
C THR C 421 29.66 -26.51 -21.30
N LEU C 422 30.63 -25.60 -21.37
CA LEU C 422 30.74 -24.66 -22.49
C LEU C 422 31.37 -25.33 -23.72
N ASP C 423 30.86 -25.01 -24.91
CA ASP C 423 31.47 -25.45 -26.17
C ASP C 423 32.59 -24.49 -26.55
N TYR C 424 33.13 -24.62 -27.76
CA TYR C 424 34.31 -23.84 -28.16
C TYR C 424 34.01 -22.35 -28.32
N ALA C 425 32.96 -22.01 -29.06
CA ALA C 425 32.56 -20.62 -29.24
C ALA C 425 32.28 -19.98 -27.88
N GLU C 426 31.42 -20.64 -27.11
CA GLU C 426 31.07 -20.19 -25.77
C GLU C 426 32.30 -20.05 -24.86
N GLN C 427 33.28 -20.93 -25.04
CA GLN C 427 34.57 -20.81 -24.34
C GLN C 427 35.35 -19.58 -24.81
N GLN C 428 35.24 -19.27 -26.11
CA GLN C 428 35.99 -18.15 -26.69
C GLN C 428 35.38 -16.82 -26.28
N ARG C 429 34.07 -16.66 -26.47
CA ARG C 429 33.41 -15.38 -26.13
C ARG C 429 33.54 -15.08 -24.63
N TRP C 430 33.60 -16.12 -23.81
CA TRP C 430 33.91 -15.99 -22.40
C TRP C 430 35.35 -15.53 -22.20
N LEU C 431 36.28 -16.08 -22.98
CA LEU C 431 37.68 -15.68 -22.90
C LEU C 431 37.83 -14.23 -23.32
N GLU C 432 36.94 -13.78 -24.20
CA GLU C 432 36.87 -12.38 -24.59
C GLU C 432 36.30 -11.58 -23.43
N HIS C 433 35.14 -11.99 -22.93
CA HIS C 433 34.51 -11.35 -21.77
C HIS C 433 35.52 -11.13 -20.64
N ARG C 434 36.30 -12.16 -20.34
CA ARG C 434 37.37 -12.04 -19.34
C ARG C 434 38.41 -11.02 -19.75
N ARG C 435 38.84 -11.09 -21.01
CA ARG C 435 39.87 -10.18 -21.56
C ARG C 435 39.42 -8.73 -21.45
N GLN C 436 38.12 -8.51 -21.57
CA GLN C 436 37.52 -7.18 -21.39
C GLN C 436 37.53 -6.73 -19.93
N VAL C 437 37.51 -7.70 -19.00
CA VAL C 437 37.54 -7.39 -17.57
C VAL C 437 38.97 -7.12 -17.13
N PHE C 438 39.88 -8.04 -17.47
CA PHE C 438 41.28 -7.96 -17.07
C PHE C 438 42.14 -7.27 -18.13
N THR C 439 41.81 -6.02 -18.44
CA THR C 439 42.61 -5.22 -19.37
C THR C 439 43.90 -4.77 -18.67
N PRO C 440 44.97 -4.52 -19.45
CA PRO C 440 46.25 -4.09 -18.87
C PRO C 440 46.10 -2.92 -17.89
N GLU C 441 45.27 -1.95 -18.26
CA GLU C 441 45.00 -0.78 -17.41
C GLU C 441 44.19 -1.15 -16.16
N PHE C 442 43.37 -2.18 -16.25
CA PHE C 442 42.62 -2.68 -15.09
C PHE C 442 43.56 -3.43 -14.14
N LEU C 443 44.40 -4.28 -14.70
CA LEU C 443 45.36 -5.07 -13.92
C LEU C 443 46.47 -4.21 -13.33
N GLN C 444 46.83 -3.13 -14.03
CA GLN C 444 47.82 -2.19 -13.54
C GLN C 444 47.28 -1.48 -12.30
N GLY C 445 46.13 -0.83 -12.45
CA GLY C 445 45.46 -0.14 -11.34
C GLY C 445 45.29 -1.01 -10.11
N TYR C 446 45.01 -2.29 -10.33
CA TYR C 446 44.94 -3.27 -9.25
C TYR C 446 46.32 -3.44 -8.62
N ALA C 447 47.33 -3.64 -9.46
CA ALA C 447 48.71 -3.80 -9.00
C ALA C 447 49.19 -2.53 -8.31
N ASP C 448 48.70 -1.39 -8.78
CA ASP C 448 49.00 -0.10 -8.15
C ASP C 448 48.32 -0.02 -6.79
N GLU C 449 47.06 -0.46 -6.74
CA GLU C 449 46.30 -0.47 -5.48
C GLU C 449 46.96 -1.39 -4.45
N LEU C 450 47.42 -2.56 -4.88
CA LEU C 450 48.18 -3.45 -4.01
C LEU C 450 49.51 -2.80 -3.59
N GLN C 451 50.31 -2.45 -4.59
CA GLN C 451 51.64 -1.86 -4.38
C GLN C 451 51.59 -0.61 -3.50
N MET C 452 50.46 0.10 -3.50
CA MET C 452 50.22 1.18 -2.57
C MET C 452 50.02 0.61 -1.17
N LEU C 453 49.03 -0.28 -1.04
CA LEU C 453 48.62 -0.79 0.27
C LEU C 453 49.75 -1.50 1.00
N VAL C 454 50.56 -2.26 0.27
CA VAL C 454 51.73 -2.90 0.87
C VAL C 454 52.68 -1.83 1.41
N GLN C 455 52.83 -0.73 0.67
CA GLN C 455 53.62 0.43 1.10
C GLN C 455 52.76 1.37 1.94
N GLN C 456 52.18 0.81 3.00
CA GLN C 456 51.23 1.50 3.86
C GLN C 456 50.96 0.62 5.08
N TYR C 457 50.70 -0.67 4.81
CA TYR C 457 50.59 -1.67 5.85
C TYR C 457 51.82 -2.61 5.87
N ALA C 458 52.94 -2.14 5.30
CA ALA C 458 54.20 -2.89 5.26
C ALA C 458 54.56 -3.55 6.60
N ASP C 459 54.33 -2.83 7.69
CA ASP C 459 54.66 -3.32 9.03
C ASP C 459 53.81 -4.52 9.46
N ASP C 460 52.60 -4.63 8.93
CA ASP C 460 51.68 -5.72 9.31
C ASP C 460 51.88 -6.94 8.43
N LYS C 461 52.75 -7.86 8.87
CA LYS C 461 53.09 -9.07 8.11
C LYS C 461 51.86 -9.87 7.71
N GLU C 462 50.88 -9.95 8.61
CA GLU C 462 49.60 -10.61 8.32
C GLU C 462 48.86 -9.91 7.18
N LYS C 463 48.93 -8.58 7.16
CA LYS C 463 48.29 -7.79 6.10
C LYS C 463 49.05 -7.91 4.79
N VAL C 464 50.37 -7.99 4.87
CA VAL C 464 51.22 -8.14 3.69
C VAL C 464 51.00 -9.53 3.08
N ALA C 465 51.05 -10.56 3.92
CA ALA C 465 50.78 -11.94 3.49
C ALA C 465 49.48 -12.05 2.70
N LEU C 466 48.46 -11.33 3.14
CA LEU C 466 47.17 -11.28 2.45
C LEU C 466 47.28 -10.53 1.12
N LEU C 467 48.09 -9.48 1.07
CA LEU C 467 48.26 -8.70 -0.17
C LEU C 467 49.00 -9.53 -1.21
N LYS C 468 50.16 -10.06 -0.83
CA LYS C 468 50.94 -10.93 -1.71
C LYS C 468 50.05 -12.00 -2.33
N ALA C 469 49.29 -12.69 -1.48
CA ALA C 469 48.34 -13.72 -1.93
C ALA C 469 47.42 -13.22 -3.05
N LEU C 470 46.99 -11.97 -2.96
CA LEU C 470 46.13 -11.38 -4.00
C LEU C 470 46.90 -11.19 -5.31
N TRP C 471 48.20 -10.89 -5.21
CA TRP C 471 49.03 -10.75 -6.41
C TRP C 471 49.28 -12.13 -7.01
N GLN C 472 49.56 -13.10 -6.16
CA GLN C 472 49.76 -14.49 -6.59
C GLN C 472 48.49 -15.07 -7.21
N TYR C 473 47.33 -14.67 -6.69
CA TYR C 473 46.05 -15.02 -7.28
C TYR C 473 45.88 -14.32 -8.63
N ALA C 474 46.01 -12.99 -8.60
CA ALA C 474 45.91 -12.15 -9.81
C ALA C 474 46.84 -12.65 -10.93
N GLU C 475 47.97 -13.24 -10.56
CA GLU C 475 48.89 -13.86 -11.52
C GLU C 475 48.29 -15.12 -12.13
N GLU C 476 47.70 -15.99 -11.30
CA GLU C 476 47.26 -17.31 -11.76
C GLU C 476 45.83 -17.32 -12.31
N ILE C 477 45.10 -16.24 -12.08
CA ILE C 477 43.72 -16.12 -12.62
C ILE C 477 43.72 -15.66 -14.08
N VAL C 478 44.63 -14.75 -14.42
CA VAL C 478 44.69 -14.19 -15.77
C VAL C 478 45.59 -15.05 -16.66
N GLN D 11 -16.95 -23.76 2.79
CA GLN D 11 -16.99 -23.27 1.39
C GLN D 11 -17.31 -21.78 1.32
N SER D 12 -16.77 -21.10 0.31
CA SER D 12 -17.01 -19.67 0.12
C SER D 12 -18.43 -19.42 -0.38
N THR D 13 -18.93 -18.20 -0.16
CA THR D 13 -20.30 -17.84 -0.53
C THR D 13 -20.40 -16.40 -1.04
N PHE D 14 -21.51 -16.12 -1.74
CA PHE D 14 -21.85 -14.78 -2.19
C PHE D 14 -23.09 -14.32 -1.44
N LEU D 15 -23.11 -13.06 -1.02
CA LEU D 15 -24.24 -12.50 -0.27
C LEU D 15 -24.84 -11.31 -1.02
N PHE D 16 -25.89 -11.58 -1.80
CA PHE D 16 -26.53 -10.54 -2.61
C PHE D 16 -27.48 -9.71 -1.73
N HIS D 17 -27.15 -8.44 -1.54
CA HIS D 17 -27.92 -7.57 -0.63
C HIS D 17 -28.42 -6.31 -1.32
N ASP D 18 -29.43 -5.69 -0.72
CA ASP D 18 -30.00 -4.43 -1.24
C ASP D 18 -30.78 -3.69 -0.15
N TYR D 19 -30.58 -2.37 -0.10
CA TYR D 19 -31.28 -1.48 0.84
C TYR D 19 -32.38 -0.70 0.12
N GLU D 20 -33.38 -0.27 0.88
CA GLU D 20 -34.31 0.77 0.45
C GLU D 20 -34.37 1.81 1.55
N THR D 21 -33.86 3.00 1.25
CA THR D 21 -33.66 4.05 2.25
C THR D 21 -34.75 5.13 2.19
N PHE D 22 -34.63 6.13 3.05
CA PHE D 22 -35.52 7.29 3.05
C PHE D 22 -34.87 8.51 2.37
N GLY D 23 -33.75 8.31 1.69
CA GLY D 23 -33.05 9.40 1.01
C GLY D 23 -31.70 9.00 0.44
N THR D 24 -31.08 9.91 -0.31
CA THR D 24 -29.85 9.63 -1.04
C THR D 24 -28.59 9.68 -0.17
N HIS D 25 -28.52 10.65 0.74
CA HIS D 25 -27.34 10.82 1.58
C HIS D 25 -27.31 9.74 2.68
N PRO D 26 -26.32 8.83 2.64
CA PRO D 26 -26.31 7.69 3.58
C PRO D 26 -26.16 8.08 5.05
N ALA D 27 -25.36 9.10 5.33
CA ALA D 27 -25.09 9.54 6.70
C ALA D 27 -26.29 10.21 7.36
N LEU D 28 -26.91 11.16 6.65
CA LEU D 28 -27.99 11.97 7.20
C LEU D 28 -29.34 11.26 7.12
N ASP D 29 -29.59 10.56 6.01
CA ASP D 29 -30.84 9.83 5.82
C ASP D 29 -30.76 8.45 6.45
N ARG D 30 -31.92 7.92 6.85
CA ARG D 30 -32.01 6.62 7.52
C ARG D 30 -32.39 5.54 6.51
N PRO D 31 -32.13 4.26 6.86
CA PRO D 31 -32.60 3.16 6.02
C PRO D 31 -34.06 2.82 6.33
N ALA D 32 -34.74 2.17 5.37
CA ALA D 32 -36.14 1.78 5.53
C ALA D 32 -36.29 0.26 5.52
N GLN D 33 -35.76 -0.39 4.47
CA GLN D 33 -35.87 -1.84 4.31
C GLN D 33 -34.51 -2.43 3.90
N PHE D 34 -34.25 -3.66 4.32
CA PHE D 34 -33.05 -4.39 3.90
C PHE D 34 -33.41 -5.78 3.40
N ALA D 35 -32.82 -6.17 2.27
CA ALA D 35 -33.03 -7.51 1.71
C ALA D 35 -31.70 -8.18 1.38
N ALA D 36 -31.61 -9.49 1.61
CA ALA D 36 -30.38 -10.23 1.35
C ALA D 36 -30.61 -11.71 1.08
N ILE D 37 -29.82 -12.26 0.14
CA ILE D 37 -29.85 -13.68 -0.19
C ILE D 37 -28.43 -14.25 -0.22
N ARG D 38 -28.28 -15.43 0.37
CA ARG D 38 -27.01 -16.17 0.36
C ARG D 38 -27.00 -17.12 -0.83
N THR D 39 -25.89 -17.17 -1.56
CA THR D 39 -25.73 -18.07 -2.70
C THR D 39 -24.33 -18.66 -2.77
N ASP D 40 -24.17 -19.73 -3.54
CA ASP D 40 -22.87 -20.38 -3.74
C ASP D 40 -22.17 -19.80 -4.97
N SER D 41 -21.00 -20.35 -5.31
CA SER D 41 -20.20 -19.87 -6.44
C SER D 41 -20.94 -19.85 -7.78
N GLU D 42 -21.88 -20.78 -7.95
CA GLU D 42 -22.71 -20.84 -9.15
C GLU D 42 -24.05 -20.09 -8.99
N PHE D 43 -24.16 -19.30 -7.92
CA PHE D 43 -25.34 -18.47 -7.64
C PHE D 43 -26.63 -19.27 -7.41
N ASN D 44 -26.53 -20.33 -6.62
CA ASN D 44 -27.69 -21.13 -6.22
C ASN D 44 -28.13 -20.75 -4.81
N VAL D 45 -29.42 -20.52 -4.62
CA VAL D 45 -29.95 -19.96 -3.37
C VAL D 45 -29.73 -20.89 -2.17
N ILE D 46 -28.86 -20.46 -1.25
CA ILE D 46 -28.61 -21.18 0.00
C ILE D 46 -29.48 -20.57 1.10
N GLY D 47 -30.06 -21.42 1.94
CA GLY D 47 -30.85 -20.97 3.09
C GLY D 47 -32.12 -20.22 2.72
N GLU D 48 -32.71 -19.56 3.72
CA GLU D 48 -33.93 -18.78 3.52
C GLU D 48 -33.58 -17.31 3.27
N PRO D 49 -34.29 -16.65 2.31
CA PRO D 49 -34.05 -15.22 2.05
C PRO D 49 -34.28 -14.34 3.28
N GLU D 50 -33.45 -13.31 3.44
CA GLU D 50 -33.53 -12.42 4.60
C GLU D 50 -34.15 -11.08 4.20
N VAL D 51 -35.20 -10.68 4.90
CA VAL D 51 -35.85 -9.37 4.71
C VAL D 51 -36.29 -8.80 6.05
N PHE D 52 -36.00 -7.52 6.28
CA PHE D 52 -36.51 -6.80 7.45
C PHE D 52 -36.45 -5.28 7.29
N TYR D 53 -37.26 -4.60 8.11
CA TYR D 53 -37.43 -3.14 8.04
C TYR D 53 -36.79 -2.45 9.24
N CYS D 54 -36.33 -1.22 9.02
CA CYS D 54 -35.73 -0.39 10.07
C CYS D 54 -36.73 0.67 10.52
N LYS D 55 -37.01 0.71 11.83
CA LYS D 55 -37.91 1.71 12.39
C LYS D 55 -37.18 3.06 12.49
N PRO D 56 -37.76 4.11 11.90
CA PRO D 56 -37.10 5.42 11.93
C PRO D 56 -37.27 6.12 13.27
N ALA D 57 -36.23 6.83 13.71
CA ALA D 57 -36.26 7.57 14.98
C ALA D 57 -37.16 8.81 14.85
N ASP D 58 -37.43 9.44 15.99
CA ASP D 58 -38.33 10.60 16.04
C ASP D 58 -37.64 11.95 15.81
N ASP D 59 -36.49 11.93 15.13
CA ASP D 59 -35.75 13.16 14.80
C ASP D 59 -35.30 13.15 13.33
N TYR D 60 -36.19 12.69 12.45
CA TYR D 60 -35.90 12.62 11.02
C TYR D 60 -37.16 12.48 10.19
N LEU D 61 -37.24 13.23 9.10
CA LEU D 61 -38.29 13.08 8.10
C LEU D 61 -37.69 12.56 6.80
N PRO D 62 -38.40 11.65 6.10
CA PRO D 62 -37.87 11.12 4.84
C PRO D 62 -37.85 12.15 3.71
N GLN D 63 -37.06 11.88 2.68
CA GLN D 63 -37.14 12.65 1.44
C GLN D 63 -38.43 12.27 0.74
N PRO D 64 -39.28 13.26 0.39
CA PRO D 64 -40.49 12.93 -0.35
C PRO D 64 -40.18 12.19 -1.65
N GLY D 65 -39.28 12.76 -2.45
CA GLY D 65 -38.85 12.17 -3.73
C GLY D 65 -38.44 10.72 -3.60
N ALA D 66 -37.76 10.39 -2.50
CA ALA D 66 -37.40 9.00 -2.21
C ALA D 66 -38.65 8.17 -1.95
N VAL D 67 -39.54 8.69 -1.12
CA VAL D 67 -40.74 7.96 -0.72
C VAL D 67 -41.65 7.73 -1.93
N LEU D 68 -41.58 8.63 -2.91
CA LEU D 68 -42.27 8.45 -4.19
C LEU D 68 -41.68 7.28 -4.99
N ILE D 69 -40.37 7.04 -4.84
CA ILE D 69 -39.71 5.95 -5.55
C ILE D 69 -39.90 4.62 -4.83
N THR D 70 -39.60 4.60 -3.54
CA THR D 70 -39.71 3.39 -2.73
C THR D 70 -41.17 3.00 -2.49
N GLY D 71 -42.01 4.00 -2.24
CA GLY D 71 -43.41 3.76 -1.91
C GLY D 71 -43.58 3.15 -0.53
N ILE D 72 -42.66 3.51 0.38
CA ILE D 72 -42.69 3.02 1.75
C ILE D 72 -42.80 4.22 2.69
N THR D 73 -43.86 4.24 3.50
CA THR D 73 -44.08 5.32 4.45
C THR D 73 -43.40 4.99 5.79
N PRO D 74 -43.11 6.02 6.61
CA PRO D 74 -42.60 5.81 7.97
C PRO D 74 -43.56 4.99 8.86
N GLN D 75 -44.86 5.10 8.62
CA GLN D 75 -45.86 4.35 9.38
C GLN D 75 -45.71 2.85 9.14
N GLU D 76 -45.39 2.48 7.89
CA GLU D 76 -45.19 1.08 7.53
C GLU D 76 -43.91 0.55 8.16
N ALA D 77 -42.89 1.40 8.21
CA ALA D 77 -41.59 1.04 8.77
C ALA D 77 -41.62 0.96 10.30
N ARG D 78 -42.41 1.84 10.92
CA ARG D 78 -42.55 1.84 12.39
C ARG D 78 -43.27 0.59 12.87
N ALA D 79 -44.30 0.18 12.15
CA ALA D 79 -45.12 -0.98 12.52
C ALA D 79 -44.37 -2.29 12.29
N LYS D 80 -43.79 -2.44 11.10
CA LYS D 80 -43.12 -3.68 10.70
C LYS D 80 -41.69 -3.77 11.19
N GLY D 81 -40.95 -2.67 11.09
CA GLY D 81 -39.50 -2.68 11.30
C GLY D 81 -39.03 -2.67 12.75
N GLU D 82 -37.77 -3.05 12.94
CA GLU D 82 -37.13 -3.03 14.26
C GLU D 82 -36.14 -1.87 14.32
N ASN D 83 -35.71 -1.50 15.53
CA ASN D 83 -34.80 -0.36 15.70
C ASN D 83 -33.43 -0.57 15.06
N GLU D 84 -32.77 0.55 14.74
CA GLU D 84 -31.52 0.54 13.97
C GLU D 84 -30.42 -0.28 14.64
N ALA D 85 -30.45 -0.36 15.97
CA ALA D 85 -29.53 -1.22 16.71
C ALA D 85 -29.74 -2.68 16.36
N ALA D 86 -31.00 -3.11 16.29
CA ALA D 86 -31.34 -4.50 15.93
C ALA D 86 -31.10 -4.73 14.44
N PHE D 87 -31.45 -3.71 13.65
CA PHE D 87 -31.19 -3.70 12.21
C PHE D 87 -29.70 -3.99 11.95
N ALA D 88 -28.86 -3.16 12.56
CA ALA D 88 -27.41 -3.27 12.44
C ALA D 88 -26.88 -4.55 13.06
N ALA D 89 -27.46 -4.96 14.19
CA ALA D 89 -27.10 -6.21 14.84
C ALA D 89 -27.37 -7.41 13.95
N ARG D 90 -28.47 -7.35 13.19
CA ARG D 90 -28.80 -8.41 12.23
C ARG D 90 -27.89 -8.32 11.01
N ILE D 91 -27.85 -7.16 10.37
CA ILE D 91 -27.02 -6.99 9.16
C ILE D 91 -25.56 -7.39 9.44
N HIS D 92 -25.03 -6.97 10.59
CA HIS D 92 -23.68 -7.32 11.02
C HIS D 92 -23.53 -8.83 11.28
N SER D 93 -24.61 -9.49 11.67
CA SER D 93 -24.58 -10.93 11.92
C SER D 93 -24.48 -11.69 10.59
N LEU D 94 -25.20 -11.18 9.59
CA LEU D 94 -25.17 -11.75 8.24
C LEU D 94 -23.85 -11.44 7.52
N PHE D 95 -23.35 -10.21 7.71
CA PHE D 95 -22.18 -9.74 6.95
C PHE D 95 -20.84 -10.32 7.41
N THR D 96 -20.76 -10.75 8.67
CA THR D 96 -19.48 -11.22 9.24
C THR D 96 -19.24 -12.73 9.09
N VAL D 97 -20.10 -13.42 8.35
CA VAL D 97 -19.91 -14.85 8.10
C VAL D 97 -18.64 -15.06 7.26
N PRO D 98 -17.70 -15.90 7.73
CA PRO D 98 -16.43 -16.10 7.02
C PRO D 98 -16.59 -16.54 5.57
N LYS D 99 -15.63 -16.15 4.72
CA LYS D 99 -15.61 -16.52 3.31
C LYS D 99 -16.87 -16.05 2.56
N THR D 100 -17.30 -14.83 2.84
CA THR D 100 -18.48 -14.24 2.19
C THR D 100 -18.07 -13.08 1.28
N CYS D 101 -18.59 -13.09 0.06
CA CYS D 101 -18.43 -11.96 -0.86
C CYS D 101 -19.77 -11.21 -0.94
N ILE D 102 -19.83 -10.04 -0.31
CA ILE D 102 -21.04 -9.26 -0.27
C ILE D 102 -21.12 -8.41 -1.54
N LEU D 103 -22.32 -8.35 -2.14
CA LEU D 103 -22.50 -7.57 -3.38
C LEU D 103 -23.95 -7.15 -3.62
N GLY D 104 -24.13 -6.32 -4.63
CA GLY D 104 -25.45 -5.87 -5.06
C GLY D 104 -25.32 -5.18 -6.41
N TYR D 105 -26.10 -4.12 -6.61
CA TYR D 105 -26.00 -3.31 -7.82
C TYR D 105 -25.81 -1.85 -7.43
N ASN D 106 -24.68 -1.26 -7.84
CA ASN D 106 -24.27 0.07 -7.42
C ASN D 106 -24.21 0.16 -5.89
N ASN D 107 -23.51 -0.81 -5.29
CA ASN D 107 -23.41 -0.91 -3.83
C ASN D 107 -22.20 -0.18 -3.26
N VAL D 108 -21.07 -0.23 -3.96
CA VAL D 108 -19.84 0.44 -3.50
C VAL D 108 -20.05 1.93 -3.30
N ARG D 109 -20.81 2.56 -4.20
CA ARG D 109 -21.06 4.00 -4.13
C ARG D 109 -22.39 4.37 -3.46
N PHE D 110 -22.97 3.45 -2.68
CA PHE D 110 -24.25 3.71 -2.00
C PHE D 110 -24.52 2.75 -0.83
N ASP D 111 -24.91 1.52 -1.14
CA ASP D 111 -25.36 0.56 -0.13
C ASP D 111 -24.30 0.32 0.94
N ASP D 112 -23.05 0.27 0.49
CA ASP D 112 -21.90 0.12 1.38
C ASP D 112 -21.71 1.37 2.23
N GLU D 113 -21.96 2.54 1.64
CA GLU D 113 -21.89 3.80 2.36
C GLU D 113 -22.99 3.84 3.42
N VAL D 114 -24.12 3.21 3.12
CA VAL D 114 -25.20 3.08 4.11
C VAL D 114 -24.77 2.10 5.21
N THR D 115 -24.25 0.95 4.81
CA THR D 115 -23.81 -0.09 5.74
C THR D 115 -22.74 0.43 6.70
N ARG D 116 -21.76 1.16 6.16
CA ARG D 116 -20.70 1.75 6.98
C ARG D 116 -21.25 2.66 8.06
N ASN D 117 -22.17 3.55 7.68
CA ASN D 117 -22.77 4.50 8.61
C ASN D 117 -23.70 3.81 9.60
N ILE D 118 -24.42 2.79 9.14
CA ILE D 118 -25.27 1.99 10.03
C ILE D 118 -24.44 1.35 11.16
N PHE D 119 -23.27 0.80 10.80
CA PHE D 119 -22.36 0.23 11.79
C PHE D 119 -21.70 1.33 12.64
N TYR D 120 -21.35 2.43 11.99
CA TYR D 120 -20.73 3.57 12.67
C TYR D 120 -21.62 4.18 13.74
N ARG D 121 -22.91 4.34 13.43
CA ARG D 121 -23.87 4.90 14.38
C ARG D 121 -24.20 3.94 15.52
N ASN D 122 -24.13 2.63 15.24
CA ASN D 122 -24.52 1.60 16.22
C ASN D 122 -23.33 0.80 16.77
N PHE D 123 -22.17 1.45 16.86
CA PHE D 123 -21.01 0.91 17.58
C PHE D 123 -20.45 -0.40 17.05
N TYR D 124 -20.69 -0.68 15.77
CA TYR D 124 -20.04 -1.80 15.08
C TYR D 124 -18.88 -1.26 14.23
N ASP D 125 -17.95 -2.14 13.88
CA ASP D 125 -16.84 -1.75 13.01
C ASP D 125 -17.38 -1.55 11.59
N PRO D 126 -17.15 -0.36 11.01
CA PRO D 126 -17.75 -0.02 9.71
C PRO D 126 -17.10 -0.70 8.51
N TYR D 127 -15.88 -1.21 8.64
CA TYR D 127 -15.13 -1.78 7.52
C TYR D 127 -14.80 -3.27 7.64
N ALA D 128 -14.69 -3.77 8.88
CA ALA D 128 -14.30 -5.16 9.14
C ALA D 128 -15.06 -6.19 8.28
N TRP D 129 -16.34 -5.91 8.04
CA TRP D 129 -17.17 -6.79 7.21
C TRP D 129 -16.63 -7.03 5.79
N SER D 130 -15.93 -6.04 5.25
CA SER D 130 -15.50 -6.08 3.85
C SER D 130 -14.16 -6.78 3.62
N TRP D 131 -13.55 -7.33 4.66
CA TRP D 131 -12.25 -8.03 4.51
C TRP D 131 -12.03 -9.19 5.49
N GLN D 132 -12.29 -8.97 6.78
CA GLN D 132 -11.96 -9.95 7.82
C GLN D 132 -12.64 -11.31 7.59
N HIS D 133 -11.95 -12.37 8.00
CA HIS D 133 -12.41 -13.76 7.81
C HIS D 133 -12.53 -14.13 6.34
N ASP D 134 -11.52 -13.72 5.56
CA ASP D 134 -11.46 -13.97 4.11
C ASP D 134 -12.67 -13.42 3.36
N ASN D 135 -13.15 -12.25 3.79
CA ASN D 135 -14.30 -11.61 3.15
C ASN D 135 -13.86 -10.63 2.06
N SER D 136 -14.84 -10.16 1.28
CA SER D 136 -14.60 -9.19 0.22
C SER D 136 -15.90 -8.51 -0.18
N ARG D 137 -15.82 -7.60 -1.15
CA ARG D 137 -17.01 -7.00 -1.75
C ARG D 137 -16.86 -6.89 -3.27
N TRP D 138 -17.97 -6.64 -3.94
CA TRP D 138 -17.98 -6.53 -5.40
C TRP D 138 -19.21 -5.78 -5.88
N ASP D 139 -19.09 -5.09 -7.02
CA ASP D 139 -20.17 -4.29 -7.59
C ASP D 139 -20.34 -4.63 -9.08
N LEU D 140 -21.55 -5.00 -9.47
CA LEU D 140 -21.83 -5.51 -10.81
C LEU D 140 -21.96 -4.41 -11.86
N LEU D 141 -22.63 -3.31 -11.52
CA LEU D 141 -22.82 -2.18 -12.44
C LEU D 141 -21.67 -2.05 -13.46
N ASP D 142 -20.47 -1.86 -12.95
CA ASP D 142 -19.27 -1.73 -13.78
C ASP D 142 -18.94 -3.03 -14.51
N VAL D 143 -19.36 -4.17 -13.96
CA VAL D 143 -19.19 -5.46 -14.65
C VAL D 143 -20.07 -5.45 -15.90
N MET D 144 -21.35 -5.19 -15.71
CA MET D 144 -22.29 -5.06 -16.82
C MET D 144 -21.72 -4.07 -17.82
N ARG D 145 -21.40 -2.86 -17.35
CA ARG D 145 -20.78 -1.85 -18.19
C ARG D 145 -19.54 -2.39 -18.92
N ALA D 146 -18.77 -3.26 -18.24
CA ALA D 146 -17.58 -3.85 -18.85
C ALA D 146 -17.93 -4.94 -19.85
N CYS D 147 -19.06 -5.61 -19.64
CA CYS D 147 -19.48 -6.72 -20.51
C CYS D 147 -19.93 -6.20 -21.87
N TYR D 148 -20.74 -5.14 -21.84
CA TYR D 148 -21.21 -4.47 -23.05
C TYR D 148 -20.03 -3.89 -23.86
N ALA D 149 -19.15 -3.17 -23.16
CA ALA D 149 -18.03 -2.49 -23.80
C ALA D 149 -17.01 -3.46 -24.39
N LEU D 150 -16.59 -4.43 -23.59
CA LEU D 150 -15.54 -5.36 -23.99
C LEU D 150 -16.09 -6.59 -24.70
N ARG D 151 -17.05 -7.27 -24.08
CA ARG D 151 -17.54 -8.57 -24.56
C ARG D 151 -19.07 -8.64 -24.55
N PRO D 152 -19.74 -7.90 -25.45
CA PRO D 152 -21.21 -7.83 -25.49
C PRO D 152 -21.89 -9.10 -26.05
N GLU D 153 -21.15 -9.91 -26.78
CA GLU D 153 -21.71 -11.09 -27.45
C GLU D 153 -22.39 -12.06 -26.47
N GLY D 154 -23.72 -12.10 -26.51
CA GLY D 154 -24.50 -13.01 -25.67
C GLY D 154 -25.72 -12.37 -25.02
N ILE D 155 -25.58 -11.12 -24.59
CA ILE D 155 -26.62 -10.43 -23.81
C ILE D 155 -27.25 -9.29 -24.61
N ASN D 156 -28.54 -9.05 -24.39
CA ASN D 156 -29.25 -7.94 -25.01
C ASN D 156 -29.04 -6.65 -24.23
N TRP D 157 -28.78 -5.55 -24.95
CA TRP D 157 -28.46 -4.28 -24.33
C TRP D 157 -29.49 -3.21 -24.72
N PRO D 158 -30.18 -2.62 -23.72
CA PRO D 158 -31.24 -1.65 -24.01
C PRO D 158 -30.71 -0.27 -24.34
N GLU D 159 -31.20 0.31 -25.44
CA GLU D 159 -30.81 1.66 -25.86
C GLU D 159 -31.62 2.72 -25.13
N ASN D 160 -31.29 3.99 -25.39
CA ASN D 160 -31.94 5.13 -24.75
C ASN D 160 -32.65 6.01 -25.78
N ASP D 161 -33.24 7.12 -25.30
CA ASP D 161 -33.94 8.06 -26.17
C ASP D 161 -33.01 8.70 -27.20
N ASP D 162 -31.81 9.06 -26.77
CA ASP D 162 -30.79 9.60 -27.67
C ASP D 162 -30.12 8.50 -28.50
N GLY D 163 -30.20 7.25 -28.01
CA GLY D 163 -29.59 6.11 -28.68
C GLY D 163 -28.28 5.70 -28.03
N LEU D 164 -28.30 5.61 -26.70
CA LEU D 164 -27.13 5.24 -25.91
C LEU D 164 -27.46 4.06 -24.98
N PRO D 165 -26.47 3.23 -24.64
CA PRO D 165 -26.72 2.02 -23.85
C PRO D 165 -27.07 2.32 -22.39
N SER D 166 -28.23 1.82 -21.94
CA SER D 166 -28.67 1.99 -20.56
C SER D 166 -28.27 0.76 -19.73
N PHE D 167 -28.10 0.98 -18.42
CA PHE D 167 -27.70 -0.09 -17.50
C PHE D 167 -28.51 -0.05 -16.20
N ARG D 168 -29.78 0.31 -16.30
CA ARG D 168 -30.69 0.27 -15.16
C ARG D 168 -31.17 -1.16 -14.96
N LEU D 169 -31.12 -1.65 -13.72
CA LEU D 169 -31.45 -3.04 -13.41
C LEU D 169 -32.83 -3.45 -13.93
N GLU D 170 -33.80 -2.56 -13.80
CA GLU D 170 -35.15 -2.79 -14.33
C GLU D 170 -35.17 -2.79 -15.86
N HIS D 171 -34.32 -1.95 -16.47
CA HIS D 171 -34.26 -1.83 -17.92
C HIS D 171 -33.53 -3.01 -18.57
N LEU D 172 -32.60 -3.60 -17.82
CA LEU D 172 -31.85 -4.77 -18.30
C LEU D 172 -32.71 -6.03 -18.22
N THR D 173 -33.17 -6.34 -17.01
CA THR D 173 -33.95 -7.57 -16.75
C THR D 173 -35.11 -7.76 -17.73
N LYS D 174 -35.82 -6.67 -18.04
CA LYS D 174 -36.90 -6.72 -19.03
C LYS D 174 -36.34 -7.06 -20.41
N ALA D 175 -35.26 -6.39 -20.80
CA ALA D 175 -34.66 -6.55 -22.13
C ALA D 175 -34.23 -7.99 -22.41
N ASN D 176 -33.94 -8.73 -21.35
CA ASN D 176 -33.56 -10.14 -21.45
C ASN D 176 -34.67 -11.09 -20.97
N GLY D 177 -35.86 -10.56 -20.71
CA GLY D 177 -37.01 -11.38 -20.33
C GLY D 177 -36.87 -12.04 -18.97
N ILE D 178 -36.86 -11.23 -17.92
CA ILE D 178 -36.76 -11.71 -16.54
C ILE D 178 -37.83 -11.05 -15.68
N GLU D 179 -38.42 -11.81 -14.76
CA GLU D 179 -39.46 -11.30 -13.87
C GLU D 179 -38.86 -10.45 -12.76
N ALA D 183 -40.75 -3.14 -9.87
CA ALA D 183 -39.41 -2.60 -9.65
C ALA D 183 -39.34 -1.84 -8.33
N HIS D 184 -38.11 -1.49 -7.93
CA HIS D 184 -37.84 -0.79 -6.67
C HIS D 184 -38.39 -1.52 -5.45
N ASP D 185 -38.09 -2.81 -5.35
CA ASP D 185 -38.44 -3.63 -4.19
C ASP D 185 -37.22 -4.43 -3.75
N ALA D 186 -36.76 -4.15 -2.54
CA ALA D 186 -35.50 -4.69 -2.00
C ALA D 186 -35.24 -6.14 -2.42
N MET D 187 -36.16 -7.03 -2.08
CA MET D 187 -35.99 -8.46 -2.36
C MET D 187 -36.14 -8.78 -3.85
N ALA D 188 -37.02 -8.05 -4.55
CA ALA D 188 -37.26 -8.29 -5.97
C ALA D 188 -36.05 -7.87 -6.81
N ASP D 189 -35.32 -6.87 -6.33
CA ASP D 189 -34.11 -6.40 -7.02
C ASP D 189 -32.93 -7.34 -6.79
N VAL D 190 -32.87 -7.97 -5.61
CA VAL D 190 -31.80 -8.92 -5.30
C VAL D 190 -31.82 -10.10 -6.27
N TYR D 191 -33.00 -10.66 -6.52
CA TYR D 191 -33.15 -11.72 -7.52
C TYR D 191 -32.68 -11.22 -8.88
N ALA D 192 -33.22 -10.09 -9.32
CA ALA D 192 -32.82 -9.45 -10.57
C ALA D 192 -31.31 -9.29 -10.68
N THR D 193 -30.66 -8.99 -9.54
CA THR D 193 -29.20 -8.88 -9.49
C THR D 193 -28.51 -10.25 -9.62
N ILE D 194 -29.11 -11.28 -9.02
CA ILE D 194 -28.55 -12.64 -9.09
C ILE D 194 -28.66 -13.15 -10.53
N ALA D 195 -29.87 -13.11 -11.08
CA ALA D 195 -30.12 -13.50 -12.46
C ALA D 195 -29.10 -12.85 -13.39
N MET D 196 -29.02 -11.53 -13.33
CA MET D 196 -28.04 -10.77 -14.13
C MET D 196 -26.61 -11.26 -13.94
N ALA D 197 -26.28 -11.73 -12.73
CA ALA D 197 -24.96 -12.30 -12.48
C ALA D 197 -24.78 -13.64 -13.20
N LYS D 198 -25.85 -14.43 -13.27
CA LYS D 198 -25.82 -15.70 -14.01
C LYS D 198 -25.73 -15.46 -15.51
N LEU D 199 -26.63 -14.62 -16.02
CA LEU D 199 -26.71 -14.31 -17.45
C LEU D 199 -25.36 -13.93 -18.04
N VAL D 200 -24.55 -13.20 -17.27
CA VAL D 200 -23.19 -12.89 -17.69
C VAL D 200 -22.31 -14.12 -17.47
N LYS D 201 -22.37 -14.69 -16.26
CA LYS D 201 -21.56 -15.87 -15.90
C LYS D 201 -21.54 -16.90 -17.03
N THR D 202 -22.72 -17.19 -17.56
CA THR D 202 -22.88 -18.18 -18.62
C THR D 202 -22.33 -17.69 -19.96
N ARG D 203 -22.55 -16.41 -20.27
CA ARG D 203 -22.26 -15.89 -21.60
C ARG D 203 -20.81 -15.42 -21.78
N GLN D 204 -20.11 -15.14 -20.68
CA GLN D 204 -18.77 -14.56 -20.76
C GLN D 204 -17.86 -14.89 -19.57
N PRO D 205 -17.78 -16.18 -19.19
CA PRO D 205 -17.08 -16.61 -17.96
C PRO D 205 -15.66 -16.05 -17.84
N ARG D 206 -14.94 -16.02 -18.97
CA ARG D 206 -13.58 -15.50 -19.02
C ARG D 206 -13.49 -14.06 -18.51
N LEU D 207 -14.49 -13.24 -18.82
CA LEU D 207 -14.50 -11.85 -18.37
C LEU D 207 -14.91 -11.81 -16.90
N PHE D 208 -16.04 -12.43 -16.60
CA PHE D 208 -16.56 -12.51 -15.23
C PHE D 208 -15.48 -12.92 -14.23
N ASP D 209 -14.68 -13.93 -14.62
CA ASP D 209 -13.54 -14.35 -13.80
C ASP D 209 -12.47 -13.27 -13.71
N TYR D 210 -12.12 -12.68 -14.85
CA TYR D 210 -11.06 -11.68 -14.90
C TYR D 210 -11.39 -10.51 -13.98
N LEU D 211 -12.65 -10.07 -14.04
CA LEU D 211 -13.12 -8.98 -13.20
C LEU D 211 -13.23 -9.44 -11.74
N PHE D 212 -13.92 -10.56 -11.52
CA PHE D 212 -14.10 -11.11 -10.17
C PHE D 212 -12.78 -11.23 -9.42
N THR D 213 -11.77 -11.80 -10.08
CA THR D 213 -10.45 -11.95 -9.48
C THR D 213 -9.74 -10.61 -9.27
N HIS D 214 -10.12 -9.59 -10.05
CA HIS D 214 -9.51 -8.26 -9.93
C HIS D 214 -10.41 -7.28 -9.18
N ARG D 215 -11.33 -7.82 -8.37
CA ARG D 215 -12.12 -7.00 -7.46
C ARG D 215 -11.29 -6.56 -6.26
N ASN D 216 -10.24 -7.32 -5.96
CA ASN D 216 -9.32 -6.99 -4.87
C ASN D 216 -8.50 -5.73 -5.14
N LYS D 217 -8.05 -5.12 -4.04
CA LYS D 217 -7.20 -3.94 -4.09
C LYS D 217 -5.76 -4.32 -4.48
N HIS D 218 -5.29 -5.47 -3.98
CA HIS D 218 -3.92 -5.92 -4.23
C HIS D 218 -3.73 -6.51 -5.63
N LYS D 219 -4.81 -7.03 -6.22
CA LYS D 219 -4.75 -7.60 -7.56
C LYS D 219 -4.57 -6.49 -8.60
N LEU D 220 -5.48 -5.52 -8.56
CA LEU D 220 -5.44 -4.35 -9.45
C LEU D 220 -4.05 -3.69 -9.43
N MET D 221 -3.48 -3.62 -8.23
CA MET D 221 -2.11 -3.11 -8.04
C MET D 221 -1.12 -3.70 -9.03
N ALA D 222 -1.28 -4.99 -9.34
CA ALA D 222 -0.40 -5.67 -10.29
C ALA D 222 -0.44 -5.03 -11.68
N LEU D 223 -1.63 -4.57 -12.08
CA LEU D 223 -1.81 -3.97 -13.41
C LEU D 223 -1.16 -2.59 -13.52
N ILE D 224 -1.05 -1.88 -12.40
CA ILE D 224 -0.53 -0.51 -12.38
C ILE D 224 1.00 -0.50 -12.37
N ASP D 225 1.59 -0.05 -13.47
CA ASP D 225 3.03 0.19 -13.56
C ASP D 225 3.23 1.70 -13.79
N VAL D 226 3.34 2.45 -12.71
CA VAL D 226 3.45 3.91 -12.77
C VAL D 226 4.69 4.38 -13.53
N PRO D 227 5.90 3.98 -13.08
CA PRO D 227 7.13 4.45 -13.74
C PRO D 227 7.08 4.31 -15.26
N GLN D 228 6.65 3.15 -15.75
CA GLN D 228 6.59 2.87 -17.18
C GLN D 228 5.37 3.50 -17.86
N MET D 229 4.38 3.94 -17.06
CA MET D 229 3.10 4.45 -17.58
C MET D 229 2.47 3.45 -18.55
N LYS D 230 2.22 2.24 -18.05
CA LYS D 230 1.63 1.17 -18.85
C LYS D 230 0.16 1.49 -19.16
N PRO D 231 -0.20 1.54 -20.46
CA PRO D 231 -1.60 1.82 -20.81
C PRO D 231 -2.56 0.75 -20.30
N LEU D 232 -3.72 1.18 -19.82
CA LEU D 232 -4.71 0.25 -19.28
C LEU D 232 -6.11 0.60 -19.78
N VAL D 233 -6.96 -0.43 -19.87
CA VAL D 233 -8.36 -0.26 -20.23
C VAL D 233 -9.16 -0.06 -18.95
N HIS D 234 -9.86 1.06 -18.87
CA HIS D 234 -10.66 1.41 -17.69
C HIS D 234 -12.11 1.65 -18.07
N VAL D 235 -13.03 0.93 -17.42
CA VAL D 235 -14.46 1.09 -17.64
C VAL D 235 -15.07 1.82 -16.44
N SER D 236 -15.75 2.94 -16.71
CA SER D 236 -16.35 3.76 -15.66
C SER D 236 -17.41 4.69 -16.24
N GLY D 237 -18.61 4.64 -15.67
CA GLY D 237 -19.74 5.48 -16.11
C GLY D 237 -19.42 6.96 -16.19
N MET D 238 -18.39 7.40 -15.47
CA MET D 238 -17.94 8.78 -15.50
C MET D 238 -17.31 9.19 -16.83
N PHE D 239 -16.95 8.21 -17.67
CA PHE D 239 -16.44 8.52 -19.01
C PHE D 239 -17.56 9.05 -19.92
N GLY D 240 -18.59 8.23 -20.14
CA GLY D 240 -19.74 8.62 -20.96
C GLY D 240 -20.32 7.48 -21.76
N ALA D 241 -21.65 7.40 -21.81
CA ALA D 241 -22.36 6.34 -22.53
C ALA D 241 -22.02 6.32 -24.03
N TRP D 242 -21.74 7.51 -24.59
CA TRP D 242 -21.30 7.62 -25.98
C TRP D 242 -19.87 7.07 -26.19
N ARG D 243 -19.16 6.79 -25.10
CA ARG D 243 -17.86 6.13 -25.14
C ARG D 243 -17.96 4.70 -24.60
N GLY D 244 -19.17 4.16 -24.57
CA GLY D 244 -19.43 2.86 -23.93
C GLY D 244 -18.96 2.82 -22.49
N ASN D 245 -18.92 4.00 -21.85
CA ASN D 245 -18.31 4.17 -20.53
C ASN D 245 -16.88 3.62 -20.47
N THR D 246 -16.14 3.69 -21.58
CA THR D 246 -14.84 3.03 -21.68
C THR D 246 -13.81 3.88 -22.44
N SER D 247 -12.55 3.76 -22.03
CA SER D 247 -11.44 4.46 -22.68
C SER D 247 -10.10 3.89 -22.24
N TRP D 248 -9.04 4.30 -22.93
CA TRP D 248 -7.66 3.95 -22.56
C TRP D 248 -7.12 4.99 -21.57
N VAL D 249 -6.49 4.52 -20.51
CA VAL D 249 -5.94 5.40 -19.47
C VAL D 249 -4.50 5.05 -19.14
N ALA D 250 -3.75 6.04 -18.64
CA ALA D 250 -2.36 5.84 -18.27
C ALA D 250 -2.08 6.40 -16.86
N PRO D 251 -1.60 5.54 -15.94
CA PRO D 251 -1.32 5.99 -14.57
C PRO D 251 -0.06 6.85 -14.48
N LEU D 252 -0.21 8.10 -14.06
CA LEU D 252 0.91 9.02 -13.95
C LEU D 252 1.65 8.87 -12.63
N ALA D 253 0.92 8.85 -11.52
CA ALA D 253 1.52 8.77 -10.19
C ALA D 253 0.50 8.44 -9.10
N TRP D 254 1.01 8.01 -7.95
CA TRP D 254 0.18 7.67 -6.80
C TRP D 254 -0.34 8.94 -6.13
N HIS D 255 -1.62 8.92 -5.75
CA HIS D 255 -2.26 10.07 -5.12
C HIS D 255 -1.53 10.41 -3.81
N PRO D 256 -1.12 11.68 -3.63
CA PRO D 256 -0.19 12.05 -2.55
C PRO D 256 -0.75 11.90 -1.13
N GLU D 257 -2.06 12.05 -0.95
CA GLU D 257 -2.68 11.96 0.37
C GLU D 257 -3.66 10.78 0.53
N ASN D 258 -3.64 9.85 -0.43
CA ASN D 258 -4.57 8.71 -0.41
C ASN D 258 -4.01 7.55 -1.22
N ARG D 259 -3.46 6.54 -0.53
CA ARG D 259 -2.75 5.46 -1.21
C ARG D 259 -3.66 4.46 -1.92
N ASN D 260 -4.97 4.55 -1.67
CA ASN D 260 -5.96 3.78 -2.43
C ASN D 260 -6.38 4.45 -3.74
N ALA D 261 -5.85 5.65 -3.99
CA ALA D 261 -6.12 6.38 -5.23
C ALA D 261 -4.86 6.51 -6.06
N VAL D 262 -5.01 6.42 -7.38
CA VAL D 262 -3.91 6.59 -8.33
C VAL D 262 -4.35 7.55 -9.44
N ILE D 263 -3.46 8.45 -9.83
CA ILE D 263 -3.80 9.50 -10.79
C ILE D 263 -3.70 8.97 -12.23
N MET D 264 -4.85 8.82 -12.87
CA MET D 264 -4.95 8.30 -14.23
C MET D 264 -5.18 9.41 -15.24
N VAL D 265 -4.40 9.38 -16.32
CA VAL D 265 -4.58 10.30 -17.45
C VAL D 265 -5.43 9.61 -18.51
N ASP D 266 -6.44 10.32 -19.00
CA ASP D 266 -7.27 9.85 -20.10
C ASP D 266 -6.54 10.07 -21.41
N LEU D 267 -6.22 8.99 -22.10
CA LEU D 267 -5.44 9.04 -23.34
C LEU D 267 -6.28 9.49 -24.54
N ALA D 268 -7.61 9.34 -24.44
CA ALA D 268 -8.52 9.76 -25.51
C ALA D 268 -8.74 11.28 -25.53
N GLY D 269 -8.57 11.93 -24.39
CA GLY D 269 -8.76 13.38 -24.29
C GLY D 269 -7.62 14.18 -24.89
N ASP D 270 -7.87 15.47 -25.12
CA ASP D 270 -6.85 16.38 -25.63
C ASP D 270 -5.89 16.76 -24.51
N ILE D 271 -4.62 16.40 -24.65
CA ILE D 271 -3.62 16.57 -23.59
C ILE D 271 -2.87 17.90 -23.66
N SER D 272 -3.38 18.86 -24.42
CA SER D 272 -2.72 20.15 -24.59
C SER D 272 -2.57 20.94 -23.29
N PRO D 273 -3.67 21.15 -22.54
CA PRO D 273 -3.57 21.94 -21.31
C PRO D 273 -2.42 21.49 -20.40
N LEU D 274 -2.35 20.19 -20.14
CA LEU D 274 -1.27 19.62 -19.32
C LEU D 274 0.10 20.07 -19.78
N LEU D 275 0.29 20.17 -21.09
CA LEU D 275 1.58 20.58 -21.66
C LEU D 275 1.78 22.10 -21.60
N GLU D 276 0.69 22.86 -21.51
CA GLU D 276 0.77 24.33 -21.58
C GLU D 276 0.70 24.98 -20.20
N LEU D 277 -0.44 24.82 -19.54
CA LEU D 277 -0.72 25.47 -18.26
C LEU D 277 0.06 24.84 -17.11
N ASP D 278 0.28 25.62 -16.05
CA ASP D 278 0.95 25.12 -14.84
C ASP D 278 -0.05 24.44 -13.91
N SER D 279 0.45 23.95 -12.77
CA SER D 279 -0.38 23.19 -11.82
C SER D 279 -1.53 24.02 -11.24
N ASP D 280 -1.18 25.16 -10.64
CA ASP D 280 -2.18 26.02 -9.97
C ASP D 280 -3.36 26.35 -10.87
N THR D 281 -3.08 26.64 -12.14
CA THR D 281 -4.13 26.89 -13.12
C THR D 281 -4.85 25.60 -13.52
N LEU D 282 -4.13 24.49 -13.58
CA LEU D 282 -4.71 23.20 -13.97
C LEU D 282 -5.69 22.70 -12.91
N ARG D 283 -5.40 23.00 -11.65
CA ARG D 283 -6.30 22.64 -10.54
C ARG D 283 -7.63 23.39 -10.68
N GLU D 284 -7.55 24.69 -10.93
CA GLU D 284 -8.74 25.53 -11.13
C GLU D 284 -9.48 25.13 -12.42
N ARG D 285 -8.72 24.79 -13.45
CA ARG D 285 -9.28 24.35 -14.73
C ARG D 285 -9.96 22.98 -14.61
N LEU D 286 -9.44 22.12 -13.75
CA LEU D 286 -10.02 20.80 -13.52
C LEU D 286 -11.39 20.89 -12.88
N TYR D 287 -11.52 21.74 -11.87
CA TYR D 287 -12.78 21.90 -11.13
C TYR D 287 -13.64 23.03 -11.72
N THR D 288 -14.05 22.86 -12.97
CA THR D 288 -14.90 23.82 -13.67
C THR D 288 -15.94 23.09 -14.52
N ALA D 289 -17.17 23.57 -14.48
CA ALA D 289 -18.28 22.89 -15.18
C ALA D 289 -18.17 23.04 -16.70
N LYS D 290 -18.67 22.03 -17.41
CA LYS D 290 -18.63 22.01 -18.88
C LYS D 290 -19.54 23.07 -19.49
N THR D 291 -20.61 23.43 -18.77
CA THR D 291 -21.55 24.46 -19.23
C THR D 291 -20.91 25.84 -19.18
N ASP D 292 -20.40 26.22 -18.01
CA ASP D 292 -19.77 27.54 -17.83
C ASP D 292 -18.30 27.58 -18.31
N LEU D 293 -17.74 26.43 -18.65
CA LEU D 293 -16.39 26.37 -19.24
C LEU D 293 -16.39 27.01 -20.63
N GLY D 294 -15.32 27.73 -20.95
CA GLY D 294 -15.21 28.42 -22.24
C GLY D 294 -14.85 27.50 -23.39
N ASP D 295 -14.24 28.06 -24.42
CA ASP D 295 -13.80 27.28 -25.59
C ASP D 295 -12.41 26.71 -25.37
N ASN D 296 -12.30 25.83 -24.38
CA ASN D 296 -11.03 25.19 -24.03
C ASN D 296 -11.22 23.69 -23.78
N ALA D 297 -10.18 22.91 -24.02
CA ALA D 297 -10.19 21.47 -23.77
C ALA D 297 -10.03 21.22 -22.28
N ALA D 298 -10.93 20.40 -21.73
CA ALA D 298 -10.90 20.07 -20.30
C ALA D 298 -9.68 19.20 -19.96
N VAL D 299 -9.33 19.16 -18.68
CA VAL D 299 -8.17 18.40 -18.22
C VAL D 299 -8.50 16.90 -18.25
N PRO D 300 -7.77 16.13 -19.09
CA PRO D 300 -8.06 14.70 -19.23
C PRO D 300 -7.40 13.86 -18.13
N VAL D 301 -7.85 14.07 -16.90
CA VAL D 301 -7.29 13.39 -15.74
C VAL D 301 -8.39 12.96 -14.78
N LYS D 302 -8.27 11.78 -14.20
CA LYS D 302 -9.19 11.32 -13.17
C LYS D 302 -8.50 10.37 -12.20
N LEU D 303 -9.11 10.17 -11.05
CA LEU D 303 -8.60 9.23 -10.05
C LEU D 303 -9.33 7.89 -10.16
N VAL D 304 -8.61 6.82 -9.85
CA VAL D 304 -9.20 5.48 -9.77
C VAL D 304 -8.98 4.95 -8.36
N HIS D 305 -10.07 4.73 -7.64
CA HIS D 305 -10.01 4.27 -6.25
C HIS D 305 -9.95 2.75 -6.23
N ILE D 306 -8.74 2.20 -6.08
CA ILE D 306 -8.52 0.75 -6.20
C ILE D 306 -9.35 -0.09 -5.23
N ASN D 307 -9.74 0.49 -4.10
CA ASN D 307 -10.59 -0.19 -3.11
C ASN D 307 -12.10 -0.09 -3.41
N LYS D 308 -12.47 0.61 -4.48
CA LYS D 308 -13.89 0.76 -4.85
C LYS D 308 -14.29 -0.11 -6.06
N CYS D 309 -13.61 -1.24 -6.22
CA CYS D 309 -13.89 -2.17 -7.31
C CYS D 309 -13.96 -1.51 -8.70
N PRO D 310 -12.91 -0.75 -9.07
CA PRO D 310 -12.87 -0.16 -10.40
C PRO D 310 -12.43 -1.18 -11.45
N VAL D 311 -13.07 -1.17 -12.62
CA VAL D 311 -12.71 -2.09 -13.69
C VAL D 311 -11.44 -1.61 -14.39
N LEU D 312 -10.38 -2.39 -14.28
CA LEU D 312 -9.13 -2.14 -15.01
C LEU D 312 -8.69 -3.41 -15.71
N ALA D 313 -8.13 -3.26 -16.91
CA ALA D 313 -7.62 -4.40 -17.67
C ALA D 313 -6.44 -4.01 -18.55
N GLN D 314 -5.79 -5.02 -19.14
CA GLN D 314 -4.64 -4.79 -20.02
C GLN D 314 -5.08 -4.24 -21.37
N ALA D 315 -4.22 -3.43 -21.97
CA ALA D 315 -4.51 -2.76 -23.24
C ALA D 315 -5.06 -3.70 -24.31
N ASN D 316 -4.46 -4.89 -24.41
CA ASN D 316 -4.89 -5.89 -25.40
C ASN D 316 -6.25 -6.53 -25.13
N THR D 317 -6.82 -6.30 -23.94
CA THR D 317 -8.16 -6.77 -23.62
C THR D 317 -9.21 -6.06 -24.49
N LEU D 318 -9.02 -4.75 -24.67
CA LEU D 318 -9.88 -3.94 -25.54
C LEU D 318 -9.44 -4.14 -26.99
N ARG D 319 -10.29 -4.82 -27.78
CA ARG D 319 -9.95 -5.17 -29.16
C ARG D 319 -10.28 -4.04 -30.13
N PRO D 320 -9.47 -3.92 -31.21
CA PRO D 320 -9.72 -2.92 -32.26
C PRO D 320 -11.17 -2.89 -32.77
N GLU D 321 -11.78 -4.07 -32.88
CA GLU D 321 -13.20 -4.18 -33.27
C GLU D 321 -14.10 -3.50 -32.24
N ASP D 322 -13.80 -3.69 -30.96
CA ASP D 322 -14.56 -3.09 -29.88
C ASP D 322 -14.32 -1.59 -29.87
N ALA D 323 -13.08 -1.20 -30.16
CA ALA D 323 -12.70 0.21 -30.27
C ALA D 323 -13.45 0.90 -31.42
N ASP D 324 -13.60 0.17 -32.53
CA ASP D 324 -14.37 0.67 -33.67
C ASP D 324 -15.87 0.68 -33.38
N ARG D 325 -16.34 -0.31 -32.64
CA ARG D 325 -17.75 -0.38 -32.25
C ARG D 325 -18.12 0.72 -31.25
N LEU D 326 -17.19 1.06 -30.37
CA LEU D 326 -17.41 2.12 -29.36
C LEU D 326 -16.98 3.51 -29.85
N GLY D 327 -16.18 3.56 -30.91
CA GLY D 327 -15.73 4.83 -31.49
C GLY D 327 -14.61 5.47 -30.69
N ILE D 328 -13.54 4.69 -30.47
CA ILE D 328 -12.37 5.17 -29.73
C ILE D 328 -11.13 5.08 -30.62
N ASN D 329 -10.50 6.22 -30.87
CA ASN D 329 -9.36 6.29 -31.78
C ASN D 329 -8.06 5.79 -31.13
N ARG D 330 -7.81 4.49 -31.27
CA ARG D 330 -6.62 3.83 -30.68
C ARG D 330 -5.32 4.57 -31.00
N GLN D 331 -5.21 5.09 -32.22
CA GLN D 331 -4.04 5.88 -32.62
C GLN D 331 -3.89 7.14 -31.78
N HIS D 332 -5.00 7.83 -31.51
CA HIS D 332 -4.96 9.05 -30.71
C HIS D 332 -4.58 8.75 -29.27
N CYS D 333 -4.95 7.56 -28.80
CA CYS D 333 -4.56 7.09 -27.47
C CYS D 333 -3.09 6.68 -27.45
N LEU D 334 -2.62 6.07 -28.54
CA LEU D 334 -1.21 5.68 -28.68
C LEU D 334 -0.27 6.87 -28.85
N ASP D 335 -0.76 7.95 -29.46
CA ASP D 335 0.04 9.15 -29.67
C ASP D 335 0.33 9.86 -28.35
N ASN D 336 -0.74 10.21 -27.63
CA ASN D 336 -0.63 10.91 -26.35
C ASN D 336 0.27 10.19 -25.34
N LEU D 337 0.24 8.87 -25.37
CA LEU D 337 1.14 8.04 -24.57
C LEU D 337 2.60 8.35 -24.89
N LYS D 338 2.91 8.47 -26.17
CA LYS D 338 4.27 8.74 -26.62
C LYS D 338 4.73 10.14 -26.23
N ILE D 339 3.76 11.06 -26.15
CA ILE D 339 4.03 12.44 -25.73
C ILE D 339 4.26 12.48 -24.22
N LEU D 340 3.31 11.95 -23.47
CA LEU D 340 3.41 11.85 -22.01
C LEU D 340 4.68 11.12 -21.58
N ARG D 341 5.03 10.07 -22.32
CA ARG D 341 6.29 9.36 -22.11
C ARG D 341 7.49 10.25 -22.44
N GLU D 342 7.34 11.11 -23.45
CA GLU D 342 8.42 11.99 -23.87
C GLU D 342 8.56 13.22 -22.98
N ASN D 343 7.54 13.48 -22.16
CA ASN D 343 7.52 14.64 -21.28
C ASN D 343 7.31 14.28 -19.80
N PRO D 344 8.41 14.12 -19.04
CA PRO D 344 8.34 13.88 -17.59
C PRO D 344 7.80 15.06 -16.78
N GLN D 345 7.95 16.27 -17.31
CA GLN D 345 7.51 17.49 -16.62
C GLN D 345 6.00 17.57 -16.35
N VAL D 346 5.21 16.76 -17.04
CA VAL D 346 3.76 16.73 -16.85
C VAL D 346 3.41 16.18 -15.47
N ARG D 347 3.89 14.97 -15.18
CA ARG D 347 3.65 14.31 -13.89
C ARG D 347 3.86 15.26 -12.72
N GLU D 348 5.01 15.94 -12.73
CA GLU D 348 5.36 16.93 -11.70
C GLU D 348 4.23 17.93 -11.46
N LYS D 349 3.62 18.40 -12.55
CA LYS D 349 2.54 19.37 -12.46
C LYS D 349 1.23 18.70 -12.08
N VAL D 350 1.02 17.47 -12.55
CA VAL D 350 -0.23 16.75 -12.33
C VAL D 350 -0.38 16.27 -10.88
N VAL D 351 0.72 15.81 -10.28
CA VAL D 351 0.68 15.30 -8.91
C VAL D 351 0.38 16.42 -7.90
N ALA D 352 0.94 17.60 -8.14
CA ALA D 352 0.73 18.76 -7.26
C ALA D 352 -0.74 19.14 -7.12
N ILE D 353 -1.47 19.05 -8.22
CA ILE D 353 -2.91 19.41 -8.25
C ILE D 353 -3.68 18.76 -7.11
N PHE D 354 -3.42 17.47 -6.88
CA PHE D 354 -4.12 16.72 -5.84
C PHE D 354 -3.46 16.81 -4.46
N ALA D 355 -2.42 17.65 -4.33
CA ALA D 355 -1.74 17.84 -3.05
C ALA D 355 -2.37 18.93 -2.18
N GLU D 356 -3.46 19.54 -2.66
CA GLU D 356 -4.16 20.57 -1.91
C GLU D 356 -4.91 19.98 -0.71
N ALA D 357 -4.97 20.74 0.38
CA ALA D 357 -5.66 20.31 1.59
C ALA D 357 -7.17 20.44 1.45
N PRO D 362 -15.09 20.25 7.89
CA PRO D 362 -15.79 19.19 8.62
C PRO D 362 -17.00 19.71 9.39
N SER D 363 -18.15 19.04 9.22
CA SER D 363 -19.39 19.47 9.86
C SER D 363 -19.42 19.04 11.33
N ASP D 364 -20.31 19.67 12.10
CA ASP D 364 -20.47 19.37 13.52
C ASP D 364 -21.48 18.24 13.78
N ASN D 365 -22.06 17.69 12.72
CA ASN D 365 -23.03 16.59 12.84
C ASN D 365 -22.31 15.25 13.02
N VAL D 366 -22.45 14.66 14.20
CA VAL D 366 -21.77 13.42 14.56
C VAL D 366 -22.00 12.28 13.56
N ASP D 367 -23.18 12.25 12.94
CA ASP D 367 -23.49 11.25 11.91
C ASP D 367 -22.62 11.39 10.66
N ALA D 368 -22.17 12.62 10.38
CA ALA D 368 -21.42 12.91 9.16
C ALA D 368 -19.89 12.90 9.35
N GLN D 369 -19.43 12.38 10.48
CA GLN D 369 -18.00 12.42 10.82
C GLN D 369 -17.29 11.07 10.67
N LEU D 370 -17.97 10.09 10.09
CA LEU D 370 -17.40 8.75 9.89
C LEU D 370 -15.94 8.79 9.45
N TYR D 371 -15.65 9.60 8.44
CA TYR D 371 -14.31 9.67 7.86
C TYR D 371 -13.41 10.72 8.50
N ASN D 372 -13.63 11.01 9.79
CA ASN D 372 -12.71 11.87 10.53
C ASN D 372 -11.41 11.13 10.86
N GLY D 373 -11.49 9.80 10.93
CA GLY D 373 -10.35 8.96 11.27
C GLY D 373 -10.81 7.65 11.87
N PHE D 374 -9.90 6.69 11.99
CA PHE D 374 -10.21 5.39 12.58
C PHE D 374 -10.30 5.49 14.10
N PHE D 375 -10.82 4.43 14.72
CA PHE D 375 -10.86 4.32 16.18
C PHE D 375 -9.71 3.44 16.66
N SER D 376 -9.20 3.74 17.85
CA SER D 376 -8.09 2.97 18.44
C SER D 376 -8.56 1.61 18.96
N ASP D 377 -7.61 0.78 19.37
CA ASP D 377 -7.90 -0.53 19.93
C ASP D 377 -8.62 -0.41 21.28
N ALA D 378 -8.20 0.56 22.08
CA ALA D 378 -8.81 0.83 23.38
C ALA D 378 -10.25 1.33 23.24
N ASP D 379 -10.46 2.29 22.35
CA ASP D 379 -11.80 2.80 22.07
C ASP D 379 -12.68 1.73 21.42
N ARG D 380 -12.11 0.97 20.48
CA ARG D 380 -12.82 -0.15 19.88
C ARG D 380 -13.28 -1.11 20.95
N ALA D 381 -12.30 -1.66 21.69
CA ALA D 381 -12.58 -2.59 22.79
C ALA D 381 -13.57 -2.02 23.80
N ALA D 382 -13.48 -0.72 24.06
CA ALA D 382 -14.41 -0.04 24.94
C ALA D 382 -15.83 0.00 24.36
N MET D 383 -15.94 0.08 23.04
CA MET D 383 -17.26 0.07 22.39
C MET D 383 -17.80 -1.36 22.34
N LYS D 384 -16.89 -2.32 22.19
CA LYS D 384 -17.22 -3.74 22.26
C LYS D 384 -17.92 -4.07 23.58
N ILE D 385 -17.51 -3.40 24.65
CA ILE D 385 -18.20 -3.49 25.93
C ILE D 385 -19.58 -2.84 25.83
N VAL D 386 -19.65 -1.67 25.20
CA VAL D 386 -20.90 -0.92 25.07
C VAL D 386 -21.93 -1.75 24.31
N LEU D 387 -21.46 -2.58 23.38
CA LEU D 387 -22.33 -3.54 22.70
C LEU D 387 -22.81 -4.66 23.65
N GLU D 388 -21.93 -5.11 24.53
CA GLU D 388 -22.24 -6.23 25.43
C GLU D 388 -23.16 -5.81 26.57
N THR D 389 -23.02 -4.55 27.00
CA THR D 389 -23.79 -4.03 28.14
C THR D 389 -25.26 -3.83 27.75
N GLU D 390 -26.15 -4.04 28.71
CA GLU D 390 -27.59 -3.91 28.48
C GLU D 390 -27.97 -2.43 28.45
N PRO D 391 -28.94 -2.06 27.57
CA PRO D 391 -29.38 -0.67 27.42
C PRO D 391 -29.59 0.08 28.73
N ARG D 392 -30.23 -0.58 29.70
CA ARG D 392 -30.52 0.04 31.00
C ARG D 392 -29.27 0.31 31.84
N ASN D 393 -28.21 -0.46 31.62
CA ASN D 393 -26.98 -0.35 32.41
C ASN D 393 -25.88 0.51 31.74
N LEU D 394 -26.22 1.17 30.64
CA LEU D 394 -25.26 2.01 29.92
C LEU D 394 -24.86 3.29 30.69
N PRO D 395 -25.83 3.97 31.33
CA PRO D 395 -25.48 5.15 32.14
C PRO D 395 -24.65 4.82 33.38
N ALA D 396 -24.83 3.61 33.93
CA ALA D 396 -24.07 3.17 35.10
C ALA D 396 -22.77 2.47 34.69
N LEU D 397 -22.02 3.10 33.78
CA LEU D 397 -20.75 2.58 33.30
C LEU D 397 -19.88 3.75 32.84
N ASP D 398 -19.07 4.28 33.75
CA ASP D 398 -18.26 5.46 33.49
C ASP D 398 -17.01 5.13 32.67
N ILE D 399 -17.18 4.99 31.35
CA ILE D 399 -16.07 4.69 30.44
C ILE D 399 -15.34 5.97 30.09
N THR D 400 -14.01 5.92 30.12
CA THR D 400 -13.16 7.06 29.80
C THR D 400 -12.72 6.99 28.33
N PHE D 401 -13.58 7.48 27.44
CA PHE D 401 -13.31 7.43 26.00
C PHE D 401 -12.31 8.49 25.57
N VAL D 402 -11.61 8.21 24.47
CA VAL D 402 -10.62 9.12 23.90
C VAL D 402 -11.24 9.91 22.74
N ASP D 403 -11.91 9.22 21.82
CA ASP D 403 -12.48 9.83 20.63
C ASP D 403 -13.78 10.58 20.95
N LYS D 404 -13.73 11.91 20.86
CA LYS D 404 -14.85 12.79 21.22
C LYS D 404 -16.16 12.45 20.51
N ARG D 405 -16.07 11.75 19.38
CA ARG D 405 -17.25 11.28 18.64
C ARG D 405 -18.07 10.25 19.44
N ILE D 406 -17.41 9.48 20.30
CA ILE D 406 -18.04 8.33 20.95
C ILE D 406 -19.20 8.72 21.89
N GLU D 407 -19.04 9.82 22.63
CA GLU D 407 -20.07 10.29 23.54
C GLU D 407 -21.32 10.75 22.79
N LYS D 408 -21.10 11.57 21.77
CA LYS D 408 -22.19 12.06 20.90
C LYS D 408 -22.82 10.91 20.12
N LEU D 409 -22.03 9.89 19.77
CA LEU D 409 -22.55 8.67 19.17
C LEU D 409 -23.42 7.90 20.16
N LEU D 410 -22.96 7.84 21.42
CA LEU D 410 -23.67 7.11 22.46
C LEU D 410 -25.01 7.80 22.78
N PHE D 411 -24.94 9.08 23.13
CA PHE D 411 -26.15 9.83 23.47
C PHE D 411 -27.24 9.66 22.41
N ASN D 412 -26.86 9.78 21.14
CA ASN D 412 -27.78 9.55 20.03
C ASN D 412 -28.23 8.09 19.94
N TYR D 413 -27.31 7.17 20.19
CA TYR D 413 -27.59 5.73 20.09
C TYR D 413 -28.65 5.32 21.11
N ARG D 414 -28.47 5.78 22.34
CA ARG D 414 -29.42 5.49 23.42
C ARG D 414 -30.73 6.25 23.23
N ALA D 415 -30.63 7.50 22.81
CA ALA D 415 -31.82 8.36 22.64
C ALA D 415 -32.71 7.92 21.48
N ARG D 416 -32.10 7.59 20.35
CA ARG D 416 -32.87 7.19 19.15
C ARG D 416 -33.52 5.82 19.30
N ASN D 417 -32.74 4.85 19.79
CA ASN D 417 -33.19 3.46 19.89
C ASN D 417 -33.89 3.11 21.20
N PHE D 418 -33.42 3.71 22.31
CA PHE D 418 -33.93 3.37 23.63
C PHE D 418 -34.38 4.60 24.44
N PRO D 419 -35.37 5.35 23.91
CA PRO D 419 -35.82 6.57 24.58
C PRO D 419 -36.22 6.36 26.04
N GLY D 420 -36.86 5.24 26.32
CA GLY D 420 -37.23 4.86 27.69
C GLY D 420 -36.06 4.84 28.65
N THR D 421 -34.85 4.64 28.12
CA THR D 421 -33.62 4.68 28.92
C THR D 421 -33.26 6.10 29.38
N LEU D 422 -33.73 7.12 28.65
CA LEU D 422 -33.35 8.51 28.93
C LEU D 422 -33.96 9.05 30.23
N ASP D 423 -33.20 9.90 30.91
CA ASP D 423 -33.69 10.61 32.10
C ASP D 423 -34.24 11.98 31.68
N TYR D 424 -34.66 12.79 32.66
CA TYR D 424 -35.26 14.10 32.39
C TYR D 424 -34.33 15.05 31.65
N ALA D 425 -33.11 15.23 32.18
CA ALA D 425 -32.13 16.09 31.55
C ALA D 425 -31.92 15.66 30.11
N GLU D 426 -31.54 14.40 29.93
CA GLU D 426 -31.28 13.82 28.60
C GLU D 426 -32.49 13.93 27.67
N GLN D 427 -33.69 13.84 28.22
CA GLN D 427 -34.92 14.08 27.47
C GLN D 427 -35.08 15.56 27.09
N GLN D 428 -34.67 16.45 28.00
CA GLN D 428 -34.76 17.89 27.74
C GLN D 428 -33.76 18.30 26.68
N ARG D 429 -32.63 17.60 26.69
CA ARG D 429 -31.58 17.77 25.68
C ARG D 429 -32.07 17.22 24.35
N TRP D 430 -32.51 15.96 24.36
CA TRP D 430 -33.05 15.32 23.15
C TRP D 430 -34.18 16.13 22.52
N LEU D 431 -35.06 16.66 23.37
CA LEU D 431 -36.13 17.55 22.90
C LEU D 431 -35.55 18.80 22.24
N GLU D 432 -34.44 19.30 22.78
CA GLU D 432 -33.75 20.46 22.22
C GLU D 432 -33.19 20.10 20.84
N HIS D 433 -32.51 18.96 20.78
CA HIS D 433 -31.98 18.42 19.52
C HIS D 433 -33.09 18.28 18.48
N ARG D 434 -34.22 17.70 18.89
CA ARG D 434 -35.39 17.57 18.00
C ARG D 434 -35.93 18.94 17.58
N ARG D 435 -35.94 19.89 18.52
CA ARG D 435 -36.37 21.26 18.24
C ARG D 435 -35.46 21.94 17.22
N GLN D 436 -34.16 21.71 17.32
CA GLN D 436 -33.18 22.26 16.38
C GLN D 436 -33.27 21.61 15.01
N VAL D 437 -33.75 20.37 14.95
CA VAL D 437 -34.00 19.69 13.68
C VAL D 437 -35.29 20.22 13.05
N PHE D 438 -36.36 20.22 13.84
CA PHE D 438 -37.68 20.64 13.36
C PHE D 438 -37.96 22.10 13.70
N THR D 439 -37.36 23.00 12.92
CA THR D 439 -37.56 24.44 13.06
C THR D 439 -38.67 24.90 12.10
N PRO D 440 -39.36 26.01 12.44
CA PRO D 440 -40.44 26.52 11.58
C PRO D 440 -40.04 26.65 10.11
N GLU D 441 -38.86 27.22 9.86
CA GLU D 441 -38.34 27.37 8.50
C GLU D 441 -37.97 26.03 7.83
N PHE D 442 -37.71 25.01 8.65
CA PHE D 442 -37.49 23.65 8.13
C PHE D 442 -38.83 23.02 7.77
N LEU D 443 -39.72 22.94 8.75
CA LEU D 443 -41.05 22.35 8.57
C LEU D 443 -41.82 23.03 7.44
N GLN D 444 -41.72 24.34 7.36
CA GLN D 444 -42.31 25.10 6.25
C GLN D 444 -41.65 24.71 4.93
N GLY D 445 -40.33 24.52 4.95
CA GLY D 445 -39.59 24.09 3.76
C GLY D 445 -40.02 22.70 3.31
N TYR D 446 -40.41 21.88 4.28
CA TYR D 446 -40.93 20.54 4.02
C TYR D 446 -42.34 20.63 3.43
N ALA D 447 -43.23 21.30 4.17
CA ALA D 447 -44.61 21.49 3.74
C ALA D 447 -44.69 22.10 2.34
N ASP D 448 -43.85 23.10 2.09
CA ASP D 448 -43.77 23.73 0.77
C ASP D 448 -43.27 22.76 -0.30
N GLU D 449 -42.46 21.78 0.10
CA GLU D 449 -42.00 20.75 -0.83
C GLU D 449 -43.16 19.79 -1.13
N LEU D 450 -43.72 19.21 -0.07
CA LEU D 450 -44.88 18.32 -0.22
C LEU D 450 -45.95 18.98 -1.09
N GLN D 451 -46.32 20.21 -0.73
CA GLN D 451 -47.32 20.97 -1.47
C GLN D 451 -46.92 21.22 -2.93
N MET D 452 -45.61 21.23 -3.20
CA MET D 452 -45.13 21.33 -4.59
C MET D 452 -45.34 20.02 -5.34
N LEU D 453 -45.30 18.90 -4.61
CA LEU D 453 -45.40 17.57 -5.23
C LEU D 453 -46.83 17.06 -5.32
N VAL D 454 -47.70 17.51 -4.40
CA VAL D 454 -49.11 17.12 -4.46
C VAL D 454 -49.81 17.79 -5.65
N GLN D 455 -49.41 19.01 -5.98
CA GLN D 455 -49.96 19.74 -7.12
C GLN D 455 -49.29 19.32 -8.43
N GLN D 456 -48.07 18.80 -8.34
CA GLN D 456 -47.34 18.30 -9.51
C GLN D 456 -47.83 16.89 -9.89
N TYR D 457 -47.94 16.02 -8.89
CA TYR D 457 -48.44 14.67 -9.07
C TYR D 457 -49.86 14.54 -8.50
N ALA D 458 -50.74 15.43 -8.96
CA ALA D 458 -52.12 15.47 -8.48
C ALA D 458 -52.97 14.33 -9.03
N ASP D 459 -52.67 13.90 -10.26
CA ASP D 459 -53.41 12.81 -10.92
C ASP D 459 -52.77 11.45 -10.68
N ASP D 460 -52.36 11.18 -9.45
CA ASP D 460 -51.82 9.87 -9.06
C ASP D 460 -52.14 9.59 -7.59
N LYS D 461 -53.33 9.06 -7.37
CA LYS D 461 -53.84 8.76 -6.02
C LYS D 461 -52.85 7.96 -5.18
N GLU D 462 -52.11 7.06 -5.82
CA GLU D 462 -51.06 6.28 -5.15
C GLU D 462 -49.99 7.20 -4.55
N LYS D 463 -49.54 8.18 -5.34
CA LYS D 463 -48.54 9.14 -4.88
C LYS D 463 -49.16 10.11 -3.86
N VAL D 464 -50.32 10.66 -4.21
CA VAL D 464 -51.02 11.60 -3.34
C VAL D 464 -51.28 10.98 -1.96
N ALA D 465 -51.58 9.68 -1.94
CA ALA D 465 -51.75 8.94 -0.69
C ALA D 465 -50.46 8.93 0.14
N LEU D 466 -49.32 8.80 -0.55
CA LEU D 466 -48.02 8.80 0.12
C LEU D 466 -47.67 10.20 0.63
N LEU D 467 -47.92 11.20 -0.21
CA LEU D 467 -47.70 12.61 0.17
C LEU D 467 -48.59 13.00 1.35
N LYS D 468 -49.83 12.51 1.36
CA LYS D 468 -50.75 12.72 2.47
C LYS D 468 -50.29 11.93 3.71
N ALA D 469 -49.76 10.73 3.47
CA ALA D 469 -49.23 9.90 4.56
C ALA D 469 -47.99 10.50 5.21
N LEU D 470 -47.19 11.23 4.43
CA LEU D 470 -46.03 11.95 4.96
C LEU D 470 -46.47 13.10 5.87
N TRP D 471 -47.27 14.02 5.31
CA TRP D 471 -47.76 15.17 6.06
C TRP D 471 -48.37 14.77 7.40
N GLN D 472 -49.13 13.68 7.41
CA GLN D 472 -49.67 13.11 8.64
C GLN D 472 -48.53 12.78 9.61
N TYR D 473 -47.56 12.00 9.13
CA TYR D 473 -46.41 11.60 9.93
C TYR D 473 -45.77 12.84 10.55
N ALA D 474 -45.42 13.79 9.68
CA ALA D 474 -44.86 15.08 10.09
C ALA D 474 -45.69 15.77 11.18
N GLU D 475 -47.00 15.57 11.16
CA GLU D 475 -47.87 16.15 12.18
C GLU D 475 -47.79 15.42 13.52
N GLU D 476 -47.55 14.10 13.49
CA GLU D 476 -47.56 13.31 14.72
C GLU D 476 -46.16 13.11 15.31
N ILE D 477 -45.14 13.35 14.50
CA ILE D 477 -43.74 13.23 14.95
C ILE D 477 -43.29 14.47 15.73
N VAL D 478 -43.75 15.65 15.30
CA VAL D 478 -43.34 16.91 15.93
C VAL D 478 -44.26 17.24 17.10
#